data_2J4G
#
_entry.id   2J4G
#
_cell.length_a   185.106
_cell.length_b   51.711
_cell.length_c   172.782
_cell.angle_alpha   90.00
_cell.angle_beta   100.11
_cell.angle_gamma   90.00
#
_symmetry.space_group_name_H-M   'C 1 2 1'
#
loop_
_entity.id
_entity.type
_entity.pdbx_description
1 polymer HYALURONOGLUCOSAMINIDASE
2 non-polymer (3AR,5R,6S,7R,7AR)-5-(HYDROXYMETHYL)-2-PROPYL-5,6,7,7A-TETRAHYDRO-3AH-PYRANO[3,2-D][1,3]THIAZOLE-6,7-DIOL
3 non-polymer 'ACETATE ION'
4 non-polymer GLYCEROL
5 water water
#
_entity_poly.entity_id   1
_entity_poly.type   'polypeptide(L)'
_entity_poly.pdbx_seq_one_letter_code
;NVSLQPPPQQLIVQNKTIDLPAVYQLNGGEEANPHAVKVLKELLSGKQSSKKGMLISIGEKGDKSVRKYSRQIPDHKEGY
YLSVNEKEIVLAGNDERGTYYALQTFAQLLKDGKLPEVEIKDYPSVRYRGVVEGFYGTPWSHQARLSQLKFYGKNKMNTY
IYGPKDDPYHSAPNWRLPYPDKEAAQLQELVAVANENEVDFVWAIHPGQDIKWNKEDRDLLLAKFEKMYQLGVRSFAVFF
DDISGEGTNPQKQAELLNYIDEKFAQVKPDINQLVMCPTEYNKSWSNPNGNYLTTLGDKLNPSIQIMWTGDRVISDITRD
GISWINERIKRPAYIWWNFPVSDYVRDHLLLGPVYGNDTTIAKEMSGFVTNPMEHAESSKIAIYSVASYAWNPAKYDTWQ
TWKDAIRTILPSAAEELECFAMHNSDLGPNGHGYRREESMDIQPAAERFLKAFKEGKNYDKADFETLQYTFERMKESADI
LLMNTENKPLIVEITPWVHQFKLTAEMGEEVLKMVEGRNESYFLRKYNHVKALQQQMFYIDQTSNQNPYQPGVKTATRVI
KPLIDRTFATVVKFFNQKFNAHLDATTDYMPHKMISNVEQIKNLPLQVKANRVLISPANEVVKWAAGNSVEIELDAIYPG
ENIQINFGKDAPCTWGRLEISTDGKEWKTVDLKQKESRLSAGLQKAPVKFVRFTNVSDEEQQVYLRQFVLTIEKK
;
_entity_poly.pdbx_strand_id   A,B
#
loop_
_chem_comp.id
_chem_comp.type
_chem_comp.name
_chem_comp.formula
ACT non-polymer 'ACETATE ION' 'C2 H3 O2 -1'
GOL non-polymer GLYCEROL 'C3 H8 O3'
NB1 non-polymer (3AR,5R,6S,7R,7AR)-5-(HYDROXYMETHYL)-2-PROPYL-5,6,7,7A-TETRAHYDRO-3AH-PYRANO[3,2-D][1,3]THIAZOLE-6,7-DIOL 'C10 H17 N O4 S'
#
# COMPACT_ATOMS: atom_id res chain seq x y z
N SER A 3 35.14 -18.06 34.16
CA SER A 3 34.36 -17.89 32.90
C SER A 3 34.57 -16.42 32.46
N LEU A 4 35.10 -16.20 31.24
CA LEU A 4 35.15 -14.86 30.64
C LEU A 4 33.76 -14.55 30.16
N GLN A 5 33.21 -13.35 30.12
CA GLN A 5 32.80 -12.28 31.02
C GLN A 5 33.17 -10.82 30.63
N PRO A 6 32.46 -10.29 29.59
CA PRO A 6 31.56 -11.04 28.70
C PRO A 6 32.28 -12.06 27.78
N PRO A 7 31.53 -13.05 27.25
CA PRO A 7 32.20 -14.10 26.45
C PRO A 7 32.61 -13.54 25.08
N PRO A 8 33.86 -13.76 24.67
CA PRO A 8 34.34 -13.20 23.37
C PRO A 8 33.59 -13.78 22.16
N GLN A 9 33.51 -13.01 21.07
CA GLN A 9 32.85 -13.45 19.83
C GLN A 9 33.48 -14.70 19.27
N GLN A 10 34.80 -14.75 19.30
CA GLN A 10 35.52 -15.88 18.76
C GLN A 10 36.67 -16.24 19.69
N LEU A 11 36.75 -17.52 20.02
CA LEU A 11 37.79 -17.98 20.93
C LEU A 11 38.27 -19.36 20.52
N ILE A 12 39.60 -19.51 20.45
CA ILE A 12 40.25 -20.79 20.18
C ILE A 12 41.26 -21.05 21.29
N VAL A 13 41.03 -22.12 22.04
CA VAL A 13 41.90 -22.44 23.17
C VAL A 13 42.78 -23.64 22.81
N GLN A 14 44.09 -23.46 22.88
CA GLN A 14 45.01 -24.57 22.80
C GLN A 14 45.22 -25.06 24.22
N ASN A 15 45.30 -26.37 24.40
CA ASN A 15 45.33 -26.86 25.78
C ASN A 15 46.69 -26.75 26.48
N LYS A 16 47.60 -26.05 25.80
CA LYS A 16 48.85 -25.58 26.37
C LYS A 16 48.58 -24.37 27.28
N THR A 17 49.41 -24.21 28.31
CA THR A 17 49.43 -23.00 29.14
C THR A 17 50.87 -22.52 29.27
N ILE A 18 51.07 -21.20 29.20
CA ILE A 18 52.39 -20.60 29.28
C ILE A 18 52.54 -19.73 30.54
N ASP A 19 53.78 -19.45 30.91
CA ASP A 19 54.05 -18.61 32.08
C ASP A 19 53.98 -17.15 31.70
N LEU A 20 53.44 -16.32 32.58
CA LEU A 20 53.54 -14.88 32.40
C LEU A 20 55.04 -14.59 32.48
N PRO A 21 55.57 -13.86 31.46
CA PRO A 21 57.04 -13.69 31.33
C PRO A 21 57.76 -13.08 32.53
N ALA A 22 58.71 -13.85 33.05
CA ALA A 22 59.62 -13.39 34.10
C ALA A 22 60.39 -12.17 33.59
N VAL A 23 60.87 -12.26 32.36
CA VAL A 23 61.46 -11.12 31.64
C VAL A 23 60.80 -10.96 30.25
N TYR A 24 60.48 -9.72 29.88
CA TYR A 24 59.67 -9.44 28.70
C TYR A 24 60.15 -8.22 27.93
N GLN A 25 59.70 -8.11 26.68
CA GLN A 25 60.00 -6.98 25.80
C GLN A 25 58.70 -6.28 25.36
N LEU A 26 58.47 -5.05 25.85
CA LEU A 26 57.24 -4.31 25.52
C LEU A 26 57.36 -3.48 24.25
N ASN A 27 56.47 -3.76 23.31
CA ASN A 27 56.42 -3.02 22.08
C ASN A 27 55.08 -2.27 21.94
N GLY A 28 55.16 -0.94 21.80
CA GLY A 28 53.96 -0.13 21.64
C GLY A 28 53.50 0.64 22.85
N GLY A 29 54.19 0.44 23.97
CA GLY A 29 53.90 1.11 25.24
C GLY A 29 53.67 2.61 25.19
N GLU A 30 54.26 3.26 24.20
CA GLU A 30 54.19 4.72 24.07
C GLU A 30 53.24 5.17 22.96
N GLU A 31 52.75 4.20 22.19
CA GLU A 31 51.91 4.44 21.03
C GLU A 31 50.46 4.02 21.30
N ALA A 32 50.30 3.03 22.19
CA ALA A 32 48.99 2.43 22.49
C ALA A 32 48.20 3.25 23.51
N ASN A 33 46.93 2.89 23.68
CA ASN A 33 46.01 3.53 24.66
C ASN A 33 46.60 3.50 26.06
N PRO A 34 46.96 4.67 26.61
CA PRO A 34 47.56 4.80 27.96
C PRO A 34 46.75 4.12 29.08
N HIS A 35 45.41 4.13 28.96
CA HIS A 35 44.51 3.39 29.87
C HIS A 35 44.74 1.90 29.77
N ALA A 36 45.02 1.41 28.55
CA ALA A 36 45.36 0.01 28.35
C ALA A 36 46.75 -0.32 28.85
N VAL A 37 47.72 0.53 28.51
CA VAL A 37 49.11 0.36 28.97
C VAL A 37 49.21 0.34 30.50
N LYS A 38 48.45 1.23 31.14
CA LYS A 38 48.32 1.27 32.61
C LYS A 38 47.95 -0.12 33.18
N VAL A 39 46.82 -0.66 32.73
CA VAL A 39 46.37 -2.00 33.11
C VAL A 39 47.44 -3.06 32.89
N LEU A 40 48.08 -3.02 31.72
CA LEU A 40 49.11 -3.99 31.36
C LEU A 40 50.30 -3.93 32.31
N LYS A 41 50.73 -2.71 32.58
CA LYS A 41 51.88 -2.49 33.46
C LYS A 41 51.58 -2.92 34.89
N GLU A 42 50.31 -2.81 35.30
CA GLU A 42 49.91 -3.26 36.63
C GLU A 42 49.98 -4.78 36.73
N LEU A 43 49.54 -5.47 35.69
CA LEU A 43 49.56 -6.94 35.62
C LEU A 43 50.98 -7.54 35.62
N LEU A 44 51.96 -6.72 35.25
CA LEU A 44 53.36 -7.13 35.07
C LEU A 44 54.28 -6.73 36.23
N SER A 45 55.03 -7.69 36.76
CA SER A 45 56.10 -7.39 37.73
C SER A 45 57.48 -7.68 37.12
N GLY A 46 58.04 -6.64 36.49
CA GLY A 46 59.31 -6.65 35.75
C GLY A 46 59.93 -7.96 35.25
N LYS A 47 60.99 -7.88 34.44
CA LYS A 47 61.60 -6.60 34.07
C LYS A 47 61.48 -6.39 32.57
N GLN A 48 61.59 -5.13 32.14
CA GLN A 48 61.72 -4.76 30.73
C GLN A 48 63.10 -5.13 30.18
N SER A 49 63.14 -5.62 28.93
CA SER A 49 64.41 -6.03 28.31
C SER A 49 64.45 -5.84 26.80
N SER A 50 65.12 -4.78 26.34
CA SER A 50 65.44 -4.63 24.91
C SER A 50 66.18 -5.90 24.43
N LYS A 51 67.03 -6.45 25.30
CA LYS A 51 67.76 -7.71 25.05
C LYS A 51 66.83 -8.92 24.80
N LYS A 52 65.62 -8.87 25.34
CA LYS A 52 64.61 -9.91 25.09
C LYS A 52 64.87 -11.22 25.84
N GLY A 53 63.87 -11.72 26.56
CA GLY A 53 62.56 -11.08 26.71
C GLY A 53 61.52 -11.57 25.70
N MET A 54 60.44 -12.17 26.22
CA MET A 54 59.27 -12.51 25.38
C MET A 54 58.63 -11.22 24.91
N LEU A 55 58.28 -11.16 23.62
CA LEU A 55 57.66 -9.96 23.07
C LEU A 55 56.17 -9.88 23.37
N ILE A 56 55.78 -8.75 23.93
CA ILE A 56 54.38 -8.36 24.12
C ILE A 56 54.09 -7.10 23.30
N SER A 57 53.18 -7.22 22.34
CA SER A 57 52.83 -6.10 21.47
C SER A 57 51.44 -5.53 21.81
N ILE A 58 51.40 -4.23 22.03
CA ILE A 58 50.16 -3.54 22.37
C ILE A 58 49.97 -2.37 21.42
N GLY A 59 48.76 -2.20 20.90
CA GLY A 59 48.44 -1.02 20.11
C GLY A 59 47.09 -1.08 19.41
N GLU A 60 46.75 0.02 18.75
CA GLU A 60 45.55 0.17 17.92
C GLU A 60 45.93 -0.04 16.46
N LYS A 61 44.95 -0.40 15.63
CA LYS A 61 45.18 -0.58 14.19
C LYS A 61 45.75 0.73 13.66
N GLY A 62 46.90 0.66 13.01
CA GLY A 62 47.64 1.89 12.62
C GLY A 62 48.93 2.09 13.40
N ASP A 63 48.98 1.57 14.63
CA ASP A 63 50.21 1.64 15.40
C ASP A 63 51.28 0.74 14.78
N LYS A 64 52.51 1.23 14.81
CA LYS A 64 53.67 0.48 14.36
C LYS A 64 53.90 -0.82 15.14
N SER A 65 53.43 -0.87 16.38
CA SER A 65 53.62 -2.04 17.25
C SER A 65 52.83 -3.26 16.76
N VAL A 66 51.68 -3.02 16.12
CA VAL A 66 50.75 -4.08 15.79
C VAL A 66 50.56 -4.27 14.29
N ARG A 67 51.45 -3.64 13.51
CA ARG A 67 51.46 -3.76 12.05
C ARG A 67 51.29 -5.19 11.51
N LYS A 68 52.00 -6.15 12.09
CA LYS A 68 52.01 -7.53 11.58
C LYS A 68 50.63 -8.16 11.70
N TYR A 69 49.81 -7.69 12.65
CA TYR A 69 48.55 -8.40 12.96
C TYR A 69 47.32 -7.62 12.58
N SER A 70 47.44 -6.76 11.59
CA SER A 70 46.31 -5.91 11.20
C SER A 70 45.16 -6.65 10.52
N ARG A 71 45.45 -7.83 9.95
CA ARG A 71 44.43 -8.69 9.32
C ARG A 71 43.57 -9.34 10.40
N GLN A 72 44.21 -9.59 11.54
CA GLN A 72 43.64 -10.28 12.69
C GLN A 72 42.67 -9.41 13.50
N ILE A 73 42.86 -8.09 13.47
CA ILE A 73 42.02 -7.15 14.22
C ILE A 73 40.60 -7.00 13.63
N PRO A 74 39.57 -7.36 14.39
CA PRO A 74 38.20 -7.24 13.87
C PRO A 74 37.87 -5.81 13.44
N ASP A 75 37.26 -5.68 12.30
CA ASP A 75 36.93 -4.39 11.77
C ASP A 75 35.56 -3.96 12.32
N HIS A 76 35.52 -3.74 13.64
CA HIS A 76 34.35 -3.30 14.37
C HIS A 76 34.79 -2.27 15.42
N LYS A 77 33.96 -1.27 15.65
CA LYS A 77 34.17 -0.35 16.78
C LYS A 77 34.35 -1.15 18.10
N GLU A 78 35.41 -0.84 18.86
CA GLU A 78 35.69 -1.48 20.17
C GLU A 78 36.15 -2.95 20.06
N GLY A 79 36.38 -3.39 18.82
CA GLY A 79 36.98 -4.68 18.54
C GLY A 79 38.44 -4.79 18.96
N TYR A 80 38.92 -6.02 19.09
CA TYR A 80 40.33 -6.28 19.36
C TYR A 80 40.72 -7.72 19.00
N TYR A 81 42.03 -7.95 18.98
CA TYR A 81 42.62 -9.24 18.71
C TYR A 81 43.57 -9.51 19.85
N LEU A 82 43.45 -10.66 20.48
CA LEU A 82 44.32 -11.04 21.58
C LEU A 82 44.94 -12.40 21.25
N SER A 83 46.26 -12.51 21.46
CA SER A 83 46.96 -13.77 21.21
C SER A 83 47.96 -14.09 22.29
N VAL A 84 47.91 -15.31 22.79
CA VAL A 84 48.92 -15.81 23.69
C VAL A 84 49.41 -17.15 23.14
N ASN A 85 50.72 -17.26 22.98
CA ASN A 85 51.39 -18.52 22.66
C ASN A 85 52.80 -18.52 23.24
N GLU A 86 53.49 -19.65 23.09
CA GLU A 86 54.87 -19.81 23.58
C GLU A 86 55.77 -18.61 23.21
N LYS A 87 55.62 -18.12 21.99
CA LYS A 87 56.51 -17.13 21.37
C LYS A 87 56.25 -15.65 21.73
N GLU A 88 54.97 -15.28 21.83
CA GLU A 88 54.54 -13.87 21.77
C GLU A 88 53.16 -13.62 22.43
N ILE A 89 52.95 -12.41 22.95
CA ILE A 89 51.61 -11.92 23.35
C ILE A 89 51.16 -10.71 22.50
N VAL A 90 49.96 -10.79 21.94
CA VAL A 90 49.42 -9.70 21.10
C VAL A 90 48.12 -9.16 21.68
N LEU A 91 48.08 -7.83 21.82
CA LEU A 91 46.98 -7.08 22.45
C LEU A 91 46.65 -5.91 21.56
N ALA A 92 45.83 -6.13 20.56
CA ALA A 92 45.66 -5.19 19.47
C ALA A 92 44.23 -4.73 19.29
N GLY A 93 43.98 -3.46 19.54
CA GLY A 93 42.64 -2.91 19.34
C GLY A 93 42.40 -2.36 17.94
N ASN A 94 41.15 -2.39 17.54
CA ASN A 94 40.70 -1.69 16.35
C ASN A 94 40.73 -0.17 16.55
N ASP A 95 40.64 0.23 17.82
CA ASP A 95 40.64 1.61 18.24
C ASP A 95 41.05 1.54 19.70
N GLU A 96 41.09 2.71 20.35
CA GLU A 96 41.68 2.80 21.69
C GLU A 96 40.92 2.04 22.77
N ARG A 97 39.61 2.06 22.67
CA ARG A 97 38.77 1.32 23.57
C ARG A 97 38.93 -0.19 23.35
N GLY A 98 39.06 -0.61 22.10
CA GLY A 98 39.33 -2.00 21.79
C GLY A 98 40.58 -2.54 22.49
N THR A 99 41.62 -1.72 22.58
CA THR A 99 42.87 -2.14 23.23
C THR A 99 42.67 -2.29 24.74
N TYR A 100 41.90 -1.37 25.33
CA TYR A 100 41.54 -1.44 26.75
C TYR A 100 40.74 -2.73 27.03
N TYR A 101 39.80 -3.03 26.15
CA TYR A 101 39.01 -4.25 26.23
C TYR A 101 39.85 -5.53 26.09
N ALA A 102 40.82 -5.50 25.20
CA ALA A 102 41.78 -6.59 25.05
C ALA A 102 42.38 -6.91 26.40
N LEU A 103 42.80 -5.86 27.09
CA LEU A 103 43.37 -5.98 28.42
C LEU A 103 42.36 -6.42 29.49
N GLN A 104 41.09 -6.06 29.34
CA GLN A 104 40.08 -6.55 30.28
C GLN A 104 39.82 -8.04 30.12
N THR A 105 39.94 -8.55 28.90
CA THR A 105 39.92 -9.98 28.69
C THR A 105 41.22 -10.58 29.17
N PHE A 106 42.32 -9.92 28.85
CA PHE A 106 43.64 -10.39 29.29
C PHE A 106 43.73 -10.62 30.82
N ALA A 107 43.35 -9.61 31.61
CA ALA A 107 43.30 -9.71 33.08
C ALA A 107 42.57 -10.97 33.61
N GLN A 108 41.50 -11.38 32.91
CA GLN A 108 40.71 -12.55 33.27
C GLN A 108 41.34 -13.91 32.94
N LEU A 109 42.23 -13.94 31.94
CA LEU A 109 42.94 -15.16 31.52
C LEU A 109 44.07 -15.53 32.48
N LEU A 110 44.76 -14.52 33.00
CA LEU A 110 45.91 -14.67 33.88
C LEU A 110 45.55 -15.22 35.28
N LYS A 111 45.72 -16.52 35.48
CA LYS A 111 45.40 -17.17 36.76
C LYS A 111 46.66 -17.77 37.40
N ASP A 112 46.94 -17.35 38.65
CA ASP A 112 48.12 -17.82 39.37
C ASP A 112 49.44 -17.53 38.63
N GLY A 113 49.49 -16.38 37.95
CA GLY A 113 50.68 -16.03 37.17
C GLY A 113 50.91 -16.83 35.89
N LYS A 114 49.88 -17.55 35.42
CA LYS A 114 49.97 -18.27 34.14
C LYS A 114 48.81 -17.95 33.17
N LEU A 115 49.04 -18.18 31.89
CA LEU A 115 48.10 -17.88 30.82
C LEU A 115 47.78 -19.10 30.00
N PRO A 116 46.53 -19.23 29.53
CA PRO A 116 46.28 -20.28 28.54
C PRO A 116 46.84 -19.82 27.21
N GLU A 117 47.06 -20.75 26.29
CA GLU A 117 47.41 -20.38 24.92
C GLU A 117 46.10 -20.23 24.16
N VAL A 118 45.84 -19.01 23.69
CA VAL A 118 44.54 -18.64 23.13
C VAL A 118 44.66 -17.67 21.96
N GLU A 119 43.63 -17.67 21.13
CA GLU A 119 43.50 -16.71 20.08
C GLU A 119 42.07 -16.18 20.21
N ILE A 120 41.92 -14.86 20.35
CA ILE A 120 40.61 -14.24 20.56
C ILE A 120 40.36 -13.15 19.55
N LYS A 121 39.20 -13.18 18.90
CA LYS A 121 38.77 -12.06 18.04
C LYS A 121 37.40 -11.61 18.54
N ASP A 122 37.31 -10.34 18.95
CA ASP A 122 36.22 -9.92 19.82
C ASP A 122 35.75 -8.52 19.48
N TYR A 123 34.50 -8.22 19.84
CA TYR A 123 33.86 -6.94 19.58
C TYR A 123 32.43 -7.04 20.13
N PRO A 124 31.78 -5.89 20.42
CA PRO A 124 30.42 -5.88 20.94
C PRO A 124 29.35 -6.02 19.85
N SER A 125 28.29 -6.75 20.16
CA SER A 125 27.14 -6.88 19.29
C SER A 125 26.18 -5.69 19.37
N VAL A 126 26.21 -4.98 20.49
CA VAL A 126 25.41 -3.75 20.66
C VAL A 126 26.36 -2.57 20.90
N ARG A 127 26.13 -1.47 20.21
CA ARG A 127 27.04 -0.33 20.20
C ARG A 127 27.19 0.34 21.57
N TYR A 128 26.07 0.67 22.21
CA TYR A 128 26.10 1.31 23.53
C TYR A 128 25.54 0.40 24.63
N ARG A 129 26.33 0.20 25.69
CA ARG A 129 26.06 -0.80 26.73
C ARG A 129 26.40 -0.24 28.08
N GLY A 130 25.41 -0.14 28.97
CA GLY A 130 25.73 0.30 30.31
C GLY A 130 24.58 0.49 31.26
N VAL A 131 24.62 1.58 32.02
CA VAL A 131 23.66 1.81 33.11
C VAL A 131 23.10 3.21 33.04
N VAL A 132 21.78 3.36 33.20
CA VAL A 132 21.23 4.69 33.46
C VAL A 132 20.88 4.75 34.95
N GLU A 133 21.50 5.67 35.68
CA GLU A 133 21.04 5.93 37.04
C GLU A 133 19.89 6.88 36.86
N GLY A 134 18.70 6.35 36.56
CA GLY A 134 17.55 7.18 36.24
C GLY A 134 16.32 6.95 37.08
N PHE A 135 16.52 6.36 38.28
CA PHE A 135 15.46 5.93 39.18
C PHE A 135 15.02 7.08 40.08
N TYR A 136 13.84 6.94 40.67
CA TYR A 136 13.39 7.78 41.78
C TYR A 136 13.87 7.20 43.12
N GLY A 137 14.30 8.09 44.03
CA GLY A 137 14.80 7.72 45.35
C GLY A 137 16.13 8.38 45.60
N THR A 138 16.79 7.96 46.70
CA THR A 138 18.11 8.44 47.07
C THR A 138 19.13 8.12 45.97
N PRO A 139 19.68 9.17 45.34
CA PRO A 139 20.67 8.92 44.30
C PRO A 139 21.93 8.26 44.87
N TRP A 140 22.65 7.52 44.03
CA TRP A 140 23.89 6.87 44.41
C TRP A 140 24.87 7.85 45.04
N SER A 141 25.56 7.40 46.09
CA SER A 141 26.60 8.21 46.72
C SER A 141 27.76 8.40 45.75
N HIS A 142 28.55 9.45 45.97
CA HIS A 142 29.74 9.69 45.17
C HIS A 142 30.69 8.48 45.19
N GLN A 143 30.93 7.91 46.37
CA GLN A 143 31.71 6.70 46.48
C GLN A 143 31.14 5.51 45.69
N ALA A 144 29.83 5.32 45.74
CA ALA A 144 29.21 4.24 45.00
C ALA A 144 29.41 4.41 43.49
N ARG A 145 29.31 5.66 42.99
CA ARG A 145 29.52 5.95 41.57
C ARG A 145 30.96 5.68 41.12
N LEU A 146 31.96 6.05 41.93
CA LEU A 146 33.34 5.75 41.58
C LEU A 146 33.57 4.25 41.43
N SER A 147 33.06 3.48 42.38
CA SER A 147 33.04 2.02 42.30
C SER A 147 32.31 1.48 41.03
N GLN A 148 31.19 2.07 40.66
CA GLN A 148 30.43 1.62 39.48
C GLN A 148 31.27 1.75 38.22
N LEU A 149 31.92 2.89 38.06
CA LEU A 149 32.64 3.22 36.84
C LEU A 149 33.84 2.29 36.58
N LYS A 150 34.54 1.90 37.63
CA LYS A 150 35.57 0.84 37.55
C LYS A 150 35.01 -0.54 37.15
N PHE A 151 33.80 -0.86 37.67
CA PHE A 151 33.09 -2.10 37.40
C PHE A 151 32.67 -2.12 35.93
N TYR A 152 32.25 -0.95 35.44
CA TYR A 152 31.80 -0.82 34.05
C TYR A 152 32.97 -1.09 33.10
N GLY A 153 34.15 -0.52 33.40
CA GLY A 153 35.37 -0.77 32.60
C GLY A 153 35.81 -2.23 32.51
N LYS A 154 35.73 -2.96 33.63
CA LYS A 154 36.09 -4.37 33.67
C LYS A 154 35.13 -5.26 32.86
N ASN A 155 33.89 -4.80 32.74
CA ASN A 155 32.82 -5.55 32.06
C ASN A 155 32.46 -5.02 30.66
N LYS A 156 33.31 -4.10 30.19
CA LYS A 156 33.22 -3.59 28.83
C LYS A 156 31.91 -2.84 28.62
N MET A 157 31.38 -2.27 29.71
CA MET A 157 30.28 -1.33 29.57
C MET A 157 30.82 0.07 29.21
N ASN A 158 30.26 0.71 28.19
CA ASN A 158 30.87 1.94 27.63
C ASN A 158 30.03 3.18 27.90
N THR A 159 28.94 2.98 28.65
CA THR A 159 27.94 3.99 28.90
C THR A 159 27.53 4.06 30.38
N TYR A 160 27.57 5.29 30.91
CA TYR A 160 26.95 5.61 32.19
C TYR A 160 26.08 6.84 31.98
N ILE A 161 24.76 6.72 32.08
CA ILE A 161 23.90 7.87 31.92
C ILE A 161 23.46 8.36 33.29
N TYR A 162 23.93 9.55 33.67
CA TYR A 162 23.66 10.15 34.96
C TYR A 162 22.34 10.87 34.84
N GLY A 163 21.33 10.41 35.57
CA GLY A 163 20.05 11.08 35.59
C GLY A 163 19.15 10.76 36.79
N PRO A 164 19.66 10.90 38.04
CA PRO A 164 18.78 10.53 39.16
C PRO A 164 17.61 11.48 39.26
N LYS A 165 16.39 10.95 39.29
CA LYS A 165 15.19 11.79 39.30
C LYS A 165 15.21 12.84 40.43
N ASP A 166 15.84 12.47 41.54
CA ASP A 166 15.79 13.31 42.71
C ASP A 166 16.92 14.34 42.85
N ASP A 167 17.88 14.36 41.91
CA ASP A 167 18.93 15.39 41.85
C ASP A 167 18.33 16.69 41.31
N PRO A 168 18.20 17.72 42.18
CA PRO A 168 17.65 19.03 41.84
C PRO A 168 18.29 19.80 40.68
N TYR A 169 19.59 19.61 40.43
CA TYR A 169 20.28 20.24 39.30
C TYR A 169 20.18 19.42 37.98
N HIS A 170 19.50 18.25 38.06
CA HIS A 170 19.16 17.41 36.90
C HIS A 170 17.70 17.65 36.44
N SER A 171 16.82 17.86 37.42
CA SER A 171 15.40 17.99 37.13
C SER A 171 14.88 19.39 37.54
N ALA A 172 13.56 19.55 37.59
CA ALA A 172 12.93 20.87 37.81
C ALA A 172 12.88 21.21 39.32
N PRO A 173 12.99 22.52 39.73
CA PRO A 173 13.23 23.79 39.01
C PRO A 173 14.59 23.90 38.33
N ASN A 174 15.66 23.22 38.76
CA ASN A 174 16.90 23.81 39.28
C ASN A 174 17.91 23.23 38.25
N TRP A 175 17.36 22.53 37.25
CA TRP A 175 18.08 22.17 36.03
C TRP A 175 18.64 23.41 35.31
N ARG A 176 18.07 24.59 35.56
CA ARG A 176 18.56 25.87 35.04
C ARG A 176 19.88 26.36 35.69
N LEU A 177 20.11 25.96 36.94
CA LEU A 177 21.27 26.38 37.73
C LEU A 177 22.49 25.49 37.47
N PRO A 178 23.69 26.09 37.47
CA PRO A 178 24.92 25.26 37.51
C PRO A 178 25.04 24.54 38.85
N TYR A 179 25.67 23.39 38.90
CA TYR A 179 25.96 22.72 40.17
C TYR A 179 26.78 23.61 41.10
N PRO A 180 26.50 23.59 42.40
CA PRO A 180 27.43 24.23 43.34
C PRO A 180 28.84 23.67 43.17
N ASP A 181 29.85 24.40 43.65
CA ASP A 181 31.26 24.01 43.48
C ASP A 181 31.60 22.62 43.97
N LYS A 182 31.12 22.26 45.15
CA LYS A 182 31.34 20.93 45.71
C LYS A 182 30.87 19.80 44.77
N GLU A 183 29.59 19.80 44.41
CA GLU A 183 29.00 18.86 43.47
C GLU A 183 29.66 18.87 42.11
N ALA A 184 30.00 20.05 41.62
CA ALA A 184 30.73 20.27 40.38
C ALA A 184 32.10 19.57 40.38
N ALA A 185 32.83 19.71 41.49
CA ALA A 185 34.16 19.12 41.61
C ALA A 185 34.05 17.59 41.66
N GLN A 186 32.95 17.12 42.23
CA GLN A 186 32.61 15.70 42.30
C GLN A 186 32.26 15.11 40.94
N LEU A 187 31.44 15.81 40.15
CA LEU A 187 31.12 15.36 38.79
C LEU A 187 32.34 15.34 37.87
N GLN A 188 33.18 16.37 37.97
CA GLN A 188 34.50 16.43 37.36
C GLN A 188 35.30 15.18 37.64
N GLU A 189 35.35 14.80 38.92
CA GLU A 189 36.07 13.58 39.31
C GLU A 189 35.42 12.33 38.71
N LEU A 190 34.09 12.28 38.66
CA LEU A 190 33.41 11.17 38.01
C LEU A 190 33.79 11.06 36.54
N VAL A 191 33.86 12.20 35.86
CA VAL A 191 34.24 12.25 34.44
C VAL A 191 35.67 11.78 34.20
N ALA A 192 36.62 12.29 34.98
CA ALA A 192 37.99 11.74 34.94
C ALA A 192 38.06 10.22 35.07
N VAL A 193 37.41 9.68 36.08
CA VAL A 193 37.42 8.24 36.38
C VAL A 193 36.69 7.41 35.29
N ALA A 194 35.56 7.91 34.78
CA ALA A 194 34.87 7.34 33.64
C ALA A 194 35.77 7.30 32.38
N ASN A 195 36.39 8.43 32.03
CA ASN A 195 37.42 8.47 30.98
C ASN A 195 38.51 7.35 31.12
N GLU A 196 39.13 7.23 32.30
CA GLU A 196 40.16 6.22 32.63
C GLU A 196 39.69 4.78 32.42
N ASN A 197 38.37 4.58 32.43
CA ASN A 197 37.77 3.28 32.40
C ASN A 197 37.04 3.04 31.10
N GLU A 198 37.17 4.00 30.19
CA GLU A 198 36.60 3.97 28.84
C GLU A 198 35.07 3.97 28.82
N VAL A 199 34.49 4.71 29.77
CA VAL A 199 33.06 4.86 29.87
C VAL A 199 32.71 6.29 29.44
N ASP A 200 31.72 6.41 28.56
CA ASP A 200 31.09 7.70 28.30
C ASP A 200 30.19 8.08 29.46
N PHE A 201 30.59 9.10 30.22
CA PHE A 201 29.75 9.76 31.18
C PHE A 201 28.77 10.58 30.38
N VAL A 202 27.48 10.21 30.41
CA VAL A 202 26.43 10.86 29.64
C VAL A 202 25.60 11.66 30.62
N TRP A 203 25.72 12.98 30.62
CA TRP A 203 24.95 13.75 31.60
C TRP A 203 23.60 14.06 31.04
N ALA A 204 22.57 13.71 31.79
CA ALA A 204 21.19 13.94 31.36
C ALA A 204 20.56 15.13 32.09
N ILE A 205 19.61 15.79 31.40
CA ILE A 205 18.86 16.89 31.97
C ILE A 205 17.38 16.51 31.86
N HIS A 206 16.57 16.97 32.78
CA HIS A 206 15.21 16.55 32.81
C HIS A 206 14.34 17.81 33.05
N PRO A 207 14.16 18.62 31.99
CA PRO A 207 13.59 19.97 32.06
C PRO A 207 12.09 20.14 31.76
N GLY A 208 11.46 19.07 31.26
CA GLY A 208 10.14 19.15 30.66
C GLY A 208 8.95 19.48 31.56
N GLN A 209 9.10 19.31 32.87
CA GLN A 209 8.01 19.63 33.81
C GLN A 209 7.69 21.14 33.94
N ASP A 210 8.71 21.98 33.83
CA ASP A 210 8.50 23.43 33.88
C ASP A 210 9.18 24.18 32.72
N ILE A 211 9.65 23.44 31.72
CA ILE A 211 10.19 24.08 30.53
C ILE A 211 9.19 25.09 29.95
N LYS A 212 9.72 26.24 29.54
CA LYS A 212 9.03 27.20 28.70
C LYS A 212 9.59 27.02 27.31
N TRP A 213 8.73 26.89 26.31
CA TRP A 213 9.24 26.86 24.94
C TRP A 213 9.58 28.30 24.46
N ASN A 214 10.54 28.93 25.15
CA ASN A 214 11.01 30.26 24.75
C ASN A 214 12.53 30.30 24.67
N LYS A 215 13.08 31.43 24.24
CA LYS A 215 14.52 31.58 24.00
C LYS A 215 15.25 31.60 25.33
N GLU A 216 14.60 32.10 26.36
CA GLU A 216 15.18 32.16 27.69
C GLU A 216 15.54 30.79 28.29
N ASP A 217 14.57 29.85 28.34
CA ASP A 217 14.80 28.46 28.78
C ASP A 217 15.71 27.62 27.87
N ARG A 218 15.64 27.87 26.56
CA ARG A 218 16.51 27.21 25.59
C ARG A 218 17.97 27.58 25.85
N ASP A 219 18.25 28.88 25.99
CA ASP A 219 19.59 29.35 26.31
C ASP A 219 20.05 28.87 27.68
N LEU A 220 19.11 28.74 28.61
CA LEU A 220 19.53 28.27 29.92
C LEU A 220 19.97 26.81 29.83
N LEU A 221 19.28 26.06 28.98
CA LEU A 221 19.65 24.67 28.78
C LEU A 221 21.06 24.55 28.18
N LEU A 222 21.32 25.27 27.09
CA LEU A 222 22.66 25.26 26.48
C LEU A 222 23.74 25.75 27.41
N ALA A 223 23.43 26.79 28.17
CA ALA A 223 24.39 27.31 29.13
C ALA A 223 24.73 26.26 30.19
N LYS A 224 23.73 25.47 30.61
CA LYS A 224 23.96 24.32 31.52
C LYS A 224 24.85 23.25 30.90
N PHE A 225 24.51 22.88 29.66
CA PHE A 225 25.28 21.94 28.86
C PHE A 225 26.73 22.39 28.70
N GLU A 226 26.92 23.67 28.39
CA GLU A 226 28.23 24.31 28.35
C GLU A 226 28.99 24.21 29.66
N LYS A 227 28.33 24.49 30.78
CA LYS A 227 28.94 24.30 32.10
C LYS A 227 29.38 22.84 32.32
N MET A 228 28.51 21.88 32.00
CA MET A 228 28.85 20.44 32.07
C MET A 228 30.04 20.06 31.17
N TYR A 229 30.06 20.60 29.94
CA TYR A 229 31.23 20.48 29.04
C TYR A 229 32.55 20.91 29.71
N GLN A 230 32.55 22.10 30.33
CA GLN A 230 33.72 22.62 31.08
C GLN A 230 34.18 21.70 32.19
N LEU A 231 33.28 20.89 32.76
CA LEU A 231 33.68 19.83 33.75
C LEU A 231 34.17 18.52 33.12
N GLY A 232 34.24 18.49 31.80
CA GLY A 232 34.71 17.29 31.12
C GLY A 232 33.65 16.46 30.41
N VAL A 233 32.36 16.78 30.57
CA VAL A 233 31.30 15.94 29.98
C VAL A 233 31.34 16.04 28.44
N ARG A 234 31.27 14.89 27.76
CA ARG A 234 31.35 14.85 26.30
C ARG A 234 30.14 14.16 25.66
N SER A 235 29.21 13.69 26.49
CA SER A 235 27.97 13.03 26.02
C SER A 235 26.80 13.61 26.79
N PHE A 236 25.68 13.80 26.11
CA PHE A 236 24.55 14.52 26.70
C PHE A 236 23.21 13.85 26.47
N ALA A 237 22.22 14.11 27.31
CA ALA A 237 20.87 13.56 27.12
C ALA A 237 19.83 14.56 27.59
N VAL A 238 18.66 14.53 26.96
CA VAL A 238 17.52 15.30 27.41
C VAL A 238 16.36 14.36 27.60
N PHE A 239 15.86 14.29 28.84
CA PHE A 239 14.83 13.33 29.24
C PHE A 239 13.53 14.04 29.36
N PHE A 240 12.50 13.48 28.73
CA PHE A 240 11.12 14.00 28.76
C PHE A 240 10.11 12.98 29.36
N ASP A 241 10.63 12.07 30.19
CA ASP A 241 9.82 11.00 30.82
C ASP A 241 9.12 11.45 32.08
N ASP A 242 7.90 10.94 32.30
CA ASP A 242 7.19 11.14 33.55
C ASP A 242 6.97 12.60 33.89
N ILE A 243 6.46 13.35 32.92
CA ILE A 243 6.14 14.76 33.11
C ILE A 243 4.75 15.00 32.59
N SER A 244 4.08 16.06 33.06
CA SER A 244 3.01 16.61 32.22
C SER A 244 2.97 18.12 32.04
N GLY A 245 2.13 18.54 31.09
CA GLY A 245 2.00 19.93 30.75
C GLY A 245 2.58 20.14 29.36
N GLU A 246 2.90 21.41 29.10
CA GLU A 246 3.48 21.85 27.85
C GLU A 246 4.74 21.10 27.41
N GLY A 247 5.53 20.62 28.38
CA GLY A 247 6.78 19.89 28.08
C GLY A 247 6.69 18.62 27.24
N THR A 248 5.47 18.07 27.12
CA THR A 248 5.23 16.82 26.40
C THR A 248 5.13 16.99 24.88
N ASN A 249 5.08 18.25 24.43
CA ASN A 249 4.92 18.58 23.03
C ASN A 249 6.04 17.98 22.19
N PRO A 250 5.71 16.96 21.35
CA PRO A 250 6.77 16.31 20.56
C PRO A 250 7.49 17.20 19.56
N GLN A 251 6.77 18.16 18.98
CA GLN A 251 7.37 19.03 17.97
C GLN A 251 8.42 19.94 18.63
N LYS A 252 8.06 20.50 19.76
CA LYS A 252 8.95 21.36 20.56
C LYS A 252 10.17 20.60 21.07
N GLN A 253 9.95 19.32 21.42
CA GLN A 253 11.04 18.46 21.89
C GLN A 253 12.03 18.22 20.78
N ALA A 254 11.54 17.76 19.64
CA ALA A 254 12.42 17.50 18.51
C ALA A 254 13.16 18.78 18.09
N GLU A 255 12.48 19.92 18.06
CA GLU A 255 13.14 21.19 17.72
C GLU A 255 14.25 21.55 18.68
N LEU A 256 14.01 21.34 19.97
CA LEU A 256 14.99 21.62 20.99
C LEU A 256 16.23 20.77 20.79
N LEU A 257 16.01 19.47 20.59
CA LEU A 257 17.10 18.51 20.45
C LEU A 257 17.93 18.75 19.20
N ASN A 258 17.25 19.03 18.08
CA ASN A 258 17.89 19.50 16.86
C ASN A 258 18.73 20.79 17.08
N TYR A 259 18.17 21.76 17.81
CA TYR A 259 18.93 22.96 18.19
C TYR A 259 20.24 22.64 18.94
N ILE A 260 20.15 21.75 19.93
CA ILE A 260 21.30 21.30 20.70
C ILE A 260 22.33 20.61 19.81
N ASP A 261 21.84 19.77 18.91
CA ASP A 261 22.68 19.12 17.93
C ASP A 261 23.44 20.16 17.12
N GLU A 262 22.67 21.03 16.47
CA GLU A 262 23.12 22.06 15.52
C GLU A 262 24.08 23.10 16.14
N LYS A 263 23.73 23.65 17.31
CA LYS A 263 24.49 24.72 17.96
C LYS A 263 25.46 24.27 19.07
N PHE A 264 25.61 22.96 19.27
CA PHE A 264 26.41 22.43 20.41
C PHE A 264 27.09 21.10 20.06
N ALA A 265 26.32 20.04 19.83
CA ALA A 265 26.90 18.72 19.48
C ALA A 265 27.75 18.75 18.19
N GLN A 266 27.31 19.53 17.20
CA GLN A 266 27.99 19.64 15.91
C GLN A 266 29.02 20.76 15.89
N VAL A 267 29.16 21.43 17.03
CA VAL A 267 30.03 22.61 17.14
C VAL A 267 31.26 22.34 18.00
N LYS A 268 31.13 21.47 19.00
CA LYS A 268 32.27 21.08 19.80
C LYS A 268 33.03 19.98 19.03
N PRO A 269 34.35 19.84 19.28
CA PRO A 269 35.18 18.88 18.55
C PRO A 269 34.99 17.39 18.89
N ASP A 270 34.31 17.08 20.00
CA ASP A 270 34.45 15.76 20.64
C ASP A 270 33.24 15.28 21.43
N ILE A 271 32.04 15.70 21.02
CA ILE A 271 30.84 15.18 21.63
C ILE A 271 30.47 13.80 21.06
N ASN A 272 30.29 12.85 21.96
CA ASN A 272 30.08 11.46 21.58
C ASN A 272 28.61 11.10 21.40
N GLN A 273 27.89 10.80 22.49
CA GLN A 273 26.45 10.49 22.41
C GLN A 273 25.57 11.73 22.59
N LEU A 274 24.45 11.75 21.87
CA LEU A 274 23.38 12.69 22.12
C LEU A 274 22.11 11.88 22.12
N VAL A 275 21.42 11.89 23.26
CA VAL A 275 20.35 10.91 23.51
C VAL A 275 19.12 11.63 24.02
N MET A 276 17.93 11.19 23.63
CA MET A 276 16.73 11.73 24.23
C MET A 276 15.76 10.65 24.73
N CYS A 277 14.96 11.02 25.73
CA CYS A 277 14.01 10.09 26.33
C CYS A 277 12.64 10.62 26.04
N PRO A 278 11.84 9.87 25.26
CA PRO A 278 10.52 10.31 24.85
C PRO A 278 9.52 10.32 26.01
N THR A 279 8.44 11.08 25.87
CA THR A 279 7.37 11.14 26.85
C THR A 279 6.54 9.86 26.77
N GLU A 280 6.25 9.42 25.54
CA GLU A 280 5.76 8.06 25.27
C GLU A 280 6.93 7.12 25.09
N TYR A 281 7.24 6.32 26.11
CA TYR A 281 8.48 5.57 26.14
C TYR A 281 8.29 4.06 26.22
N ASN A 282 7.03 3.64 26.22
CA ASN A 282 6.70 2.24 26.03
C ASN A 282 5.47 2.15 25.12
N LYS A 283 5.24 0.98 24.54
CA LYS A 283 4.13 0.82 23.55
C LYS A 283 2.74 1.04 24.15
N SER A 284 2.56 0.60 25.38
CA SER A 284 1.28 0.59 26.07
C SER A 284 0.77 1.98 26.44
N TRP A 285 1.69 2.95 26.51
CA TRP A 285 1.39 4.35 26.90
C TRP A 285 1.44 5.31 25.72
N SER A 286 1.56 4.73 24.54
CA SER A 286 1.56 5.48 23.32
C SER A 286 0.14 5.54 22.75
N ASN A 287 -0.24 6.72 22.24
CA ASN A 287 -1.52 6.89 21.55
C ASN A 287 -1.43 6.38 20.11
N PRO A 288 -2.24 5.36 19.77
CA PRO A 288 -2.13 4.75 18.45
C PRO A 288 -2.62 5.68 17.32
N ASN A 289 -3.48 6.63 17.68
CA ASN A 289 -4.21 7.46 16.73
C ASN A 289 -3.65 8.85 16.54
N GLY A 290 -2.67 9.20 17.35
CA GLY A 290 -2.11 10.53 17.30
C GLY A 290 -0.67 10.30 17.14
N ASN A 291 0.15 11.32 17.01
CA ASN A 291 1.39 11.11 16.25
C ASN A 291 2.69 11.46 16.99
N TYR A 292 2.68 11.27 18.31
CA TYR A 292 3.81 11.59 19.15
C TYR A 292 5.11 10.98 18.62
N LEU A 293 5.10 9.67 18.38
CA LEU A 293 6.32 8.92 18.07
C LEU A 293 6.81 9.07 16.64
N THR A 294 5.89 9.19 15.71
CA THR A 294 6.24 9.44 14.30
C THR A 294 6.78 10.89 14.11
N THR A 295 6.19 11.88 14.79
CA THR A 295 6.75 13.23 14.84
C THR A 295 8.24 13.16 15.23
N LEU A 296 8.55 12.51 16.36
CA LEU A 296 9.95 12.31 16.77
C LEU A 296 10.77 11.60 15.71
N GLY A 297 10.23 10.50 15.18
CA GLY A 297 10.97 9.67 14.22
C GLY A 297 11.36 10.42 12.96
N ASP A 298 10.43 11.25 12.48
CA ASP A 298 10.60 12.07 11.29
C ASP A 298 11.45 13.32 11.56
N LYS A 299 11.11 14.04 12.62
CA LYS A 299 11.70 15.35 12.96
C LYS A 299 13.15 15.32 13.49
N LEU A 300 13.48 14.38 14.39
CA LEU A 300 14.82 14.32 15.02
C LEU A 300 15.99 13.94 14.09
N ASN A 301 17.05 14.76 14.11
CA ASN A 301 18.27 14.46 13.36
C ASN A 301 18.69 13.01 13.60
N PRO A 302 19.12 12.31 12.52
CA PRO A 302 19.26 10.85 12.61
C PRO A 302 20.38 10.37 13.54
N SER A 303 21.29 11.27 13.93
CA SER A 303 22.35 10.93 14.88
C SER A 303 21.87 10.93 16.36
N ILE A 304 20.66 11.42 16.60
CA ILE A 304 20.14 11.52 17.96
C ILE A 304 19.51 10.16 18.31
N GLN A 305 19.83 9.64 19.49
CA GLN A 305 19.23 8.40 19.99
C GLN A 305 17.87 8.67 20.64
N ILE A 306 16.96 7.71 20.50
CA ILE A 306 15.69 7.72 21.21
C ILE A 306 15.63 6.45 22.07
N MET A 307 15.36 6.67 23.36
CA MET A 307 15.20 5.62 24.36
C MET A 307 13.80 5.02 24.38
N TRP A 308 13.73 3.77 24.82
CA TRP A 308 12.50 2.96 24.79
C TRP A 308 12.59 1.85 25.84
N THR A 309 11.49 1.58 26.54
CA THR A 309 11.44 0.46 27.53
C THR A 309 10.74 -0.83 27.06
N GLY A 310 10.18 -0.83 25.85
CA GLY A 310 9.52 -2.01 25.32
C GLY A 310 8.02 -1.82 25.33
N ASP A 311 7.27 -2.91 25.50
CA ASP A 311 5.80 -2.87 25.34
C ASP A 311 5.04 -2.29 26.52
N ARG A 312 5.71 -2.24 27.68
CA ARG A 312 5.16 -1.66 28.90
C ARG A 312 6.31 -1.00 29.63
N VAL A 313 6.00 -0.20 30.65
CA VAL A 313 6.98 0.57 31.46
C VAL A 313 8.07 -0.34 31.95
N ILE A 314 7.67 -1.44 32.57
CA ILE A 314 8.55 -2.56 32.87
C ILE A 314 8.22 -3.73 31.95
N SER A 315 9.17 -4.07 31.07
CA SER A 315 9.09 -5.24 30.22
C SER A 315 10.45 -5.65 29.71
N ASP A 316 10.48 -6.85 29.15
CA ASP A 316 11.66 -7.41 28.54
C ASP A 316 11.50 -7.21 27.05
N ILE A 317 12.61 -7.18 26.34
CA ILE A 317 12.61 -6.78 24.93
C ILE A 317 12.39 -8.00 24.02
N THR A 318 11.39 -7.91 23.17
CA THR A 318 11.04 -8.96 22.18
C THR A 318 11.33 -8.46 20.76
N ARG A 319 11.41 -9.41 19.83
CA ARG A 319 11.56 -9.14 18.39
C ARG A 319 10.43 -8.29 17.86
N ASP A 320 9.19 -8.63 18.24
CA ASP A 320 8.00 -7.89 17.81
C ASP A 320 7.96 -6.49 18.40
N GLY A 321 8.41 -6.37 19.66
CA GLY A 321 8.39 -5.10 20.37
C GLY A 321 9.35 -4.10 19.79
N ILE A 322 10.56 -4.53 19.48
CA ILE A 322 11.53 -3.66 18.85
C ILE A 322 11.21 -3.26 17.39
N SER A 323 10.69 -4.19 16.57
CA SER A 323 10.16 -3.85 15.23
C SER A 323 9.10 -2.78 15.31
N TRP A 324 8.15 -2.94 16.23
CA TRP A 324 7.07 -1.97 16.40
C TRP A 324 7.64 -0.56 16.59
N ILE A 325 8.54 -0.36 17.57
CA ILE A 325 9.09 0.97 17.80
C ILE A 325 10.04 1.45 16.68
N ASN A 326 10.92 0.58 16.19
CA ASN A 326 11.91 0.96 15.16
C ASN A 326 11.23 1.47 13.86
N GLU A 327 10.07 0.91 13.54
CA GLU A 327 9.23 1.39 12.45
C GLU A 327 8.92 2.87 12.60
N ARG A 328 8.53 3.27 13.82
CA ARG A 328 7.98 4.60 14.09
C ARG A 328 9.03 5.69 14.25
N ILE A 329 10.19 5.32 14.81
CA ILE A 329 11.24 6.28 15.17
C ILE A 329 12.34 6.35 14.14
N LYS A 330 12.30 5.40 13.19
CA LYS A 330 13.08 5.45 11.95
C LYS A 330 14.56 5.26 12.23
N ARG A 331 14.84 4.47 13.26
CA ARG A 331 16.19 4.21 13.78
C ARG A 331 16.09 3.08 14.82
N PRO A 332 17.22 2.40 15.10
CA PRO A 332 17.17 1.34 16.12
C PRO A 332 17.04 1.95 17.55
N ALA A 333 16.10 1.41 18.32
CA ALA A 333 15.77 1.97 19.64
C ALA A 333 16.93 1.81 20.59
N TYR A 334 17.03 2.72 21.55
CA TYR A 334 18.12 2.72 22.53
C TYR A 334 17.38 2.26 23.77
N ILE A 335 17.61 1.00 24.14
CA ILE A 335 16.79 0.37 25.16
C ILE A 335 17.20 0.80 26.57
N TRP A 336 16.19 1.23 27.31
CA TRP A 336 16.22 1.45 28.76
C TRP A 336 15.46 0.29 29.39
N TRP A 337 16.19 -0.65 29.95
CA TRP A 337 15.54 -1.81 30.61
C TRP A 337 15.27 -1.63 32.11
N ASN A 338 14.02 -1.61 32.50
CA ASN A 338 13.69 -1.38 33.89
C ASN A 338 13.82 -2.59 34.80
N PHE A 339 15.04 -3.08 34.93
CA PHE A 339 15.45 -4.10 35.92
C PHE A 339 16.97 -3.89 36.10
N PRO A 340 17.43 -3.95 37.35
CA PRO A 340 16.53 -4.23 38.48
C PRO A 340 16.18 -3.11 39.44
N VAL A 341 16.09 -1.83 39.04
CA VAL A 341 14.96 -0.93 39.29
C VAL A 341 13.89 -1.43 40.21
N SER A 342 13.83 -0.83 41.40
CA SER A 342 12.90 -1.27 42.44
C SER A 342 12.26 -0.08 43.08
N ASP A 343 12.25 1.05 42.37
CA ASP A 343 11.79 2.30 42.95
C ASP A 343 10.27 2.36 43.14
N TYR A 344 9.58 1.32 42.65
CA TYR A 344 8.13 1.16 42.84
C TYR A 344 7.83 -0.13 43.63
N VAL A 345 8.86 -0.89 43.99
CA VAL A 345 8.76 -1.99 44.97
C VAL A 345 9.87 -1.88 46.00
N ARG A 346 9.96 -0.72 46.63
CA ARG A 346 11.09 -0.33 47.47
C ARG A 346 11.34 -1.16 48.72
N ASP A 347 10.39 -2.00 49.11
CA ASP A 347 10.60 -2.93 50.22
C ASP A 347 11.18 -4.26 49.78
N HIS A 348 11.45 -4.38 48.47
CA HIS A 348 12.10 -5.57 47.91
C HIS A 348 13.50 -5.31 47.39
N LEU A 349 14.34 -6.34 47.51
CA LEU A 349 15.59 -6.36 46.78
C LEU A 349 15.40 -7.27 45.57
N LEU A 350 15.97 -6.88 44.42
CA LEU A 350 15.84 -7.69 43.19
C LEU A 350 17.18 -8.22 42.76
N LEU A 351 17.51 -9.40 43.24
CA LEU A 351 18.87 -9.88 43.13
C LEU A 351 18.98 -11.15 42.29
N GLY A 352 17.91 -11.50 41.59
CA GLY A 352 17.94 -12.68 40.76
C GLY A 352 18.64 -12.47 39.43
N PRO A 353 18.62 -13.52 38.60
CA PRO A 353 19.26 -13.48 37.27
C PRO A 353 18.61 -12.48 36.31
N VAL A 354 19.39 -12.01 35.36
CA VAL A 354 18.89 -11.19 34.25
C VAL A 354 18.43 -12.16 33.11
N TYR A 355 17.16 -12.08 32.73
CA TYR A 355 16.59 -12.94 31.69
C TYR A 355 15.34 -12.29 31.07
N GLY A 356 14.85 -12.87 29.96
CA GLY A 356 13.62 -12.40 29.34
C GLY A 356 13.81 -11.63 28.04
N ASN A 357 15.03 -11.14 27.80
CA ASN A 357 15.28 -10.29 26.61
C ASN A 357 15.70 -11.19 25.48
N ASP A 358 15.11 -10.99 24.31
CA ASP A 358 15.45 -11.80 23.14
C ASP A 358 16.93 -11.65 22.84
N THR A 359 17.60 -12.76 22.59
CA THR A 359 19.04 -12.77 22.37
C THR A 359 19.50 -12.69 20.89
N THR A 360 18.58 -12.45 19.96
CA THR A 360 18.91 -12.48 18.54
C THR A 360 18.71 -11.13 17.85
N ILE A 361 18.38 -10.09 18.62
CA ILE A 361 17.97 -8.78 18.10
C ILE A 361 18.97 -7.65 18.30
N ALA A 362 20.26 -8.00 18.46
CA ALA A 362 21.34 -7.05 18.69
C ALA A 362 21.37 -5.92 17.68
N LYS A 363 20.98 -6.26 16.45
CA LYS A 363 21.13 -5.39 15.30
C LYS A 363 20.01 -4.36 15.28
N GLU A 364 18.92 -4.66 16.00
CA GLU A 364 17.74 -3.82 16.08
C GLU A 364 17.78 -2.81 17.23
N MET A 365 18.88 -2.74 17.98
CA MET A 365 19.02 -1.76 19.06
C MET A 365 20.34 -1.03 18.99
N SER A 366 20.29 0.29 19.13
CA SER A 366 21.57 1.03 19.16
C SER A 366 22.23 1.02 20.52
N GLY A 367 21.44 0.78 21.57
CA GLY A 367 21.98 0.67 22.94
C GLY A 367 21.13 -0.16 23.85
N PHE A 368 21.74 -0.60 24.94
CA PHE A 368 21.04 -1.35 26.00
C PHE A 368 21.59 -0.93 27.36
N VAL A 369 20.78 -0.18 28.10
CA VAL A 369 21.12 0.27 29.43
C VAL A 369 20.13 -0.27 30.47
N THR A 370 20.67 -0.64 31.62
CA THR A 370 19.89 -1.04 32.78
C THR A 370 19.71 0.14 33.76
N ASN A 371 18.45 0.39 34.11
CA ASN A 371 18.01 1.21 35.24
C ASN A 371 18.00 0.33 36.52
N PRO A 372 18.90 0.61 37.48
CA PRO A 372 19.10 -0.24 38.64
C PRO A 372 18.36 0.17 39.93
N MET A 373 18.64 -0.54 41.02
CA MET A 373 18.14 -0.16 42.32
C MET A 373 18.95 1.04 42.83
N GLU A 374 18.36 1.73 43.78
CA GLU A 374 19.08 2.75 44.55
C GLU A 374 20.21 2.14 45.36
N HIS A 375 20.23 0.80 45.43
CA HIS A 375 21.25 0.03 46.10
C HIS A 375 22.28 -0.34 45.05
N ALA A 376 23.37 0.43 45.04
CA ALA A 376 24.38 0.42 44.02
C ALA A 376 25.13 -0.90 43.94
N GLU A 377 25.76 -1.34 45.04
CA GLU A 377 26.53 -2.57 45.00
C GLU A 377 25.65 -3.81 44.74
N SER A 378 24.42 -3.78 45.26
CA SER A 378 23.45 -4.87 45.08
C SER A 378 23.09 -5.07 43.60
N SER A 379 23.19 -3.95 42.85
CA SER A 379 22.75 -3.83 41.45
C SER A 379 23.79 -4.43 40.53
N LYS A 380 24.98 -4.66 41.06
CA LYS A 380 26.09 -5.23 40.30
C LYS A 380 25.87 -6.67 39.77
N ILE A 381 25.05 -7.47 40.45
CA ILE A 381 24.64 -8.79 39.94
C ILE A 381 23.93 -8.68 38.58
N ALA A 382 22.93 -7.82 38.47
CA ALA A 382 22.28 -7.55 37.17
C ALA A 382 23.16 -6.79 36.17
N ILE A 383 23.89 -5.79 36.65
CA ILE A 383 24.69 -4.94 35.79
C ILE A 383 25.78 -5.77 35.07
N TYR A 384 26.41 -6.66 35.82
CA TYR A 384 27.42 -7.58 35.27
C TYR A 384 26.77 -8.45 34.20
N SER A 385 25.51 -8.83 34.43
CA SER A 385 24.81 -9.76 33.57
C SER A 385 24.35 -9.06 32.30
N VAL A 386 23.76 -7.87 32.44
CA VAL A 386 23.43 -7.00 31.31
C VAL A 386 24.69 -6.73 30.44
N ALA A 387 25.83 -6.46 31.08
CA ALA A 387 27.06 -6.26 30.34
C ALA A 387 27.42 -7.46 29.42
N SER A 388 27.37 -8.67 29.99
CA SER A 388 27.57 -9.94 29.30
C SER A 388 26.53 -10.11 28.20
N TYR A 389 25.26 -9.85 28.50
CA TYR A 389 24.20 -9.95 27.51
C TYR A 389 24.34 -8.98 26.31
N ALA A 390 24.60 -7.70 26.58
CA ALA A 390 24.71 -6.71 25.52
C ALA A 390 26.00 -6.83 24.70
N TRP A 391 27.08 -7.38 25.27
CA TRP A 391 28.29 -7.61 24.49
C TRP A 391 28.14 -8.85 23.57
N ASN A 392 27.72 -9.98 24.13
CA ASN A 392 27.54 -11.18 23.33
C ASN A 392 26.19 -11.86 23.61
N PRO A 393 25.09 -11.29 23.09
CA PRO A 393 23.79 -11.88 23.42
C PRO A 393 23.61 -13.32 22.90
N ALA A 394 24.28 -13.67 21.80
CA ALA A 394 24.17 -15.01 21.21
C ALA A 394 24.66 -16.06 22.17
N LYS A 395 25.68 -15.70 22.94
CA LYS A 395 26.23 -16.62 23.92
C LYS A 395 25.67 -16.40 25.31
N TYR A 396 24.65 -15.56 25.45
CA TYR A 396 24.14 -15.20 26.78
C TYR A 396 23.48 -16.36 27.54
N ASP A 397 24.06 -16.68 28.70
CA ASP A 397 23.66 -17.75 29.62
C ASP A 397 23.25 -17.12 30.96
N THR A 398 21.94 -17.06 31.21
CA THR A 398 21.35 -16.50 32.39
C THR A 398 21.99 -16.86 33.72
N TRP A 399 21.99 -18.15 34.04
CA TRP A 399 22.36 -18.65 35.35
C TRP A 399 23.84 -18.62 35.60
N GLN A 400 24.63 -19.03 34.60
CA GLN A 400 26.08 -19.00 34.73
C GLN A 400 26.59 -17.58 34.91
N THR A 401 25.99 -16.61 34.20
CA THR A 401 26.41 -15.20 34.32
C THR A 401 26.08 -14.66 35.72
N TRP A 402 24.89 -15.02 36.24
CA TRP A 402 24.46 -14.70 37.60
C TRP A 402 25.42 -15.26 38.62
N LYS A 403 25.79 -16.53 38.48
CA LYS A 403 26.77 -17.12 39.40
C LYS A 403 28.13 -16.46 39.26
N ASP A 404 28.50 -16.11 38.02
CA ASP A 404 29.79 -15.45 37.74
C ASP A 404 29.82 -14.09 38.40
N ALA A 405 28.69 -13.37 38.29
CA ALA A 405 28.52 -12.04 38.91
C ALA A 405 28.73 -12.09 40.42
N ILE A 406 28.05 -13.03 41.05
CA ILE A 406 28.10 -13.22 42.50
C ILE A 406 29.52 -13.55 42.98
N ARG A 407 30.20 -14.43 42.24
CA ARG A 407 31.54 -14.88 42.62
CA ARG A 407 31.54 -14.91 42.56
C ARG A 407 32.59 -13.78 42.35
N THR A 408 32.25 -12.83 41.50
CA THR A 408 33.15 -11.72 41.19
C THR A 408 32.99 -10.62 42.23
N ILE A 409 31.75 -10.41 42.62
CA ILE A 409 31.36 -9.43 43.62
C ILE A 409 31.77 -9.85 45.06
N LEU A 410 31.59 -11.11 45.39
CA LEU A 410 31.89 -11.55 46.74
C LEU A 410 32.53 -12.94 46.77
N PRO A 411 33.75 -13.10 46.19
CA PRO A 411 34.41 -14.40 46.17
C PRO A 411 34.44 -15.10 47.55
N SER A 412 34.67 -14.34 48.63
CA SER A 412 34.75 -14.83 50.03
C SER A 412 33.48 -15.45 50.58
N ALA A 413 32.34 -15.12 50.01
CA ALA A 413 31.08 -15.64 50.52
C ALA A 413 30.06 -15.82 49.39
N ALA A 414 30.53 -16.37 48.28
CA ALA A 414 29.74 -16.40 47.05
C ALA A 414 28.53 -17.31 47.19
N GLU A 415 28.72 -18.45 47.83
CA GLU A 415 27.60 -19.39 48.01
C GLU A 415 26.54 -18.82 48.94
N GLU A 416 26.99 -18.06 49.95
CA GLU A 416 26.08 -17.38 50.87
C GLU A 416 25.24 -16.32 50.14
N LEU A 417 25.90 -15.55 49.28
CA LEU A 417 25.24 -14.52 48.51
C LEU A 417 24.25 -15.13 47.53
N GLU A 418 24.61 -16.26 46.90
CA GLU A 418 23.69 -16.99 46.03
C GLU A 418 22.44 -17.40 46.75
N CYS A 419 22.63 -17.98 47.95
CA CYS A 419 21.50 -18.38 48.79
C CYS A 419 20.56 -17.21 49.01
N PHE A 420 21.11 -16.10 49.44
CA PHE A 420 20.36 -14.92 49.72
C PHE A 420 19.66 -14.34 48.47
N ALA A 421 20.43 -14.19 47.38
CA ALA A 421 19.88 -13.69 46.11
C ALA A 421 18.77 -14.59 45.53
N MET A 422 18.93 -15.91 45.64
CA MET A 422 17.99 -16.91 45.13
C MET A 422 16.59 -16.69 45.68
N HIS A 423 16.50 -16.24 46.92
CA HIS A 423 15.18 -16.03 47.53
C HIS A 423 14.85 -14.58 47.70
N ASN A 424 15.56 -13.72 46.97
CA ASN A 424 15.30 -12.25 46.95
C ASN A 424 15.25 -11.68 45.52
N SER A 425 14.30 -12.19 44.73
CA SER A 425 14.28 -12.12 43.27
C SER A 425 13.05 -11.45 42.73
N ASP A 426 11.93 -11.74 43.39
CA ASP A 426 10.63 -11.39 42.91
C ASP A 426 10.23 -10.06 43.50
N LEU A 427 9.32 -9.39 42.82
CA LEU A 427 8.94 -8.03 43.16
C LEU A 427 7.77 -7.99 44.11
N GLY A 428 7.06 -9.12 44.19
CA GLY A 428 5.72 -9.19 44.77
C GLY A 428 4.70 -8.52 43.87
N PRO A 429 3.42 -8.54 44.28
CA PRO A 429 2.40 -7.75 43.57
C PRO A 429 2.74 -6.25 43.51
N ASN A 430 2.53 -5.65 42.33
CA ASN A 430 2.83 -4.25 42.08
C ASN A 430 1.98 -3.63 40.96
N GLY A 431 1.88 -2.30 40.96
CA GLY A 431 1.10 -1.56 39.93
C GLY A 431 1.47 -1.79 38.47
N HIS A 432 2.70 -2.27 38.20
CA HIS A 432 3.16 -2.56 36.82
C HIS A 432 2.97 -4.00 36.39
N GLY A 433 2.51 -4.86 37.29
CA GLY A 433 2.36 -6.30 37.01
C GLY A 433 3.60 -7.09 36.58
N TYR A 434 4.79 -6.60 36.93
CA TYR A 434 6.04 -7.28 36.56
C TYR A 434 6.59 -8.16 37.68
N ARG A 435 6.89 -9.41 37.36
CA ARG A 435 7.28 -10.40 38.35
C ARG A 435 8.54 -11.12 37.87
N ARG A 436 9.28 -11.68 38.82
CA ARG A 436 10.41 -12.51 38.48
C ARG A 436 10.28 -13.83 39.25
N GLU A 437 10.89 -14.88 38.73
CA GLU A 437 10.87 -16.11 39.49
C GLU A 437 11.75 -16.04 40.74
N GLU A 438 11.36 -16.82 41.76
CA GLU A 438 12.03 -16.84 43.03
C GLU A 438 11.95 -18.24 43.66
N SER A 439 13.07 -18.68 44.26
CA SER A 439 13.13 -19.93 45.04
C SER A 439 12.67 -21.17 44.28
N MET A 440 12.94 -21.22 42.98
CA MET A 440 12.37 -22.31 42.17
C MET A 440 12.89 -23.71 42.53
N ASP A 441 14.16 -23.80 42.92
CA ASP A 441 14.76 -25.00 43.50
C ASP A 441 13.81 -25.77 44.44
N ILE A 442 13.23 -25.05 45.42
CA ILE A 442 12.47 -25.65 46.50
C ILE A 442 10.96 -25.52 46.31
N GLN A 443 10.53 -24.89 45.20
CA GLN A 443 9.09 -24.67 44.99
C GLN A 443 8.23 -25.93 44.85
N PRO A 444 8.75 -26.99 44.17
CA PRO A 444 7.98 -28.26 44.12
C PRO A 444 7.82 -28.96 45.49
N ALA A 445 8.92 -29.15 46.22
CA ALA A 445 8.89 -29.56 47.63
C ALA A 445 7.91 -28.73 48.49
N ALA A 446 8.02 -27.41 48.40
CA ALA A 446 7.11 -26.52 49.09
C ALA A 446 5.65 -26.85 48.74
N GLU A 447 5.37 -27.02 47.44
CA GLU A 447 3.99 -27.20 46.96
C GLU A 447 3.39 -28.57 47.30
N ARG A 448 4.22 -29.61 47.21
CA ARG A 448 3.80 -30.95 47.61
C ARG A 448 3.44 -30.98 49.08
N PHE A 449 4.42 -30.57 49.90
CA PHE A 449 4.28 -30.49 51.35
C PHE A 449 3.00 -29.78 51.78
N LEU A 450 2.68 -28.67 51.14
CA LEU A 450 1.54 -27.86 51.54
C LEU A 450 0.14 -28.40 51.12
N LYS A 451 0.07 -29.05 49.96
CA LYS A 451 -1.17 -29.70 49.50
C LYS A 451 -1.45 -30.92 50.39
N ALA A 452 -0.43 -31.76 50.62
CA ALA A 452 -0.51 -32.92 51.51
C ALA A 452 -0.86 -32.60 52.97
N PHE A 453 -1.10 -31.32 53.26
CA PHE A 453 -1.53 -30.85 54.59
C PHE A 453 -2.95 -30.31 54.55
N LYS A 454 -3.16 -29.27 53.72
CA LYS A 454 -4.50 -28.75 53.38
C LYS A 454 -5.35 -29.84 52.67
N GLU A 455 -5.29 -31.04 53.25
CA GLU A 455 -5.96 -32.27 52.80
C GLU A 455 -5.98 -33.25 53.97
N GLY A 456 -4.83 -33.38 54.64
CA GLY A 456 -4.63 -34.29 55.79
C GLY A 456 -3.90 -35.57 55.40
N LYS A 457 -3.35 -35.58 54.19
CA LYS A 457 -2.94 -36.80 53.50
C LYS A 457 -1.49 -37.30 53.77
N ASN A 458 -0.84 -36.85 54.84
CA ASN A 458 0.57 -37.22 55.17
C ASN A 458 1.61 -36.65 54.16
N TYR A 459 2.75 -36.17 54.68
CA TYR A 459 3.78 -35.55 53.83
C TYR A 459 4.96 -36.48 53.51
N ASP A 460 5.81 -36.05 52.58
CA ASP A 460 7.03 -36.76 52.21
C ASP A 460 8.20 -36.31 53.10
N LYS A 461 8.95 -37.28 53.62
CA LYS A 461 10.10 -37.00 54.48
C LYS A 461 11.25 -36.31 53.73
N ALA A 462 11.36 -36.61 52.45
CA ALA A 462 12.30 -35.95 51.55
C ALA A 462 12.04 -34.45 51.57
N ASP A 463 10.79 -34.07 51.30
CA ASP A 463 10.33 -32.68 51.29
C ASP A 463 10.66 -31.97 52.57
N PHE A 464 10.30 -32.60 53.69
CA PHE A 464 10.46 -32.02 55.03
C PHE A 464 11.88 -31.57 55.28
N GLU A 465 12.84 -32.39 54.89
CA GLU A 465 14.23 -32.05 55.16
C GLU A 465 14.91 -31.20 54.08
N THR A 466 14.23 -30.96 52.96
CA THR A 466 14.71 -29.96 51.99
C THR A 466 14.30 -28.58 52.53
N LEU A 467 13.05 -28.48 52.97
CA LEU A 467 12.55 -27.32 53.69
C LEU A 467 13.41 -26.99 54.92
N GLN A 468 13.64 -27.98 55.77
CA GLN A 468 14.56 -27.82 56.87
C GLN A 468 16.03 -27.53 56.47
N TYR A 469 16.52 -28.16 55.40
CA TYR A 469 17.88 -27.86 54.87
C TYR A 469 17.96 -26.41 54.39
N THR A 470 16.86 -25.93 53.80
CA THR A 470 16.78 -24.59 53.25
C THR A 470 16.88 -23.53 54.36
N PHE A 471 16.03 -23.67 55.37
CA PHE A 471 16.05 -22.77 56.52
C PHE A 471 17.41 -22.73 57.20
N GLU A 472 18.04 -23.89 57.37
CA GLU A 472 19.39 -23.94 57.93
C GLU A 472 20.39 -23.16 57.09
N ARG A 473 20.29 -23.31 55.76
CA ARG A 473 21.22 -22.65 54.83
C ARG A 473 21.05 -21.12 54.83
N MET A 474 19.79 -20.71 54.85
CA MET A 474 19.39 -19.34 55.02
C MET A 474 20.03 -18.63 56.21
N LYS A 475 20.13 -19.31 57.37
CA LYS A 475 20.70 -18.70 58.58
C LYS A 475 22.19 -18.62 58.48
N GLU A 476 22.83 -19.71 58.06
CA GLU A 476 24.27 -19.66 57.79
C GLU A 476 24.63 -18.47 56.90
N SER A 477 24.00 -18.37 55.73
CA SER A 477 24.24 -17.29 54.77
C SER A 477 23.99 -15.90 55.37
N ALA A 478 22.87 -15.76 56.05
CA ALA A 478 22.49 -14.48 56.71
C ALA A 478 23.54 -14.01 57.73
N ASP A 479 24.06 -14.92 58.54
CA ASP A 479 25.05 -14.57 59.56
C ASP A 479 26.43 -14.32 59.00
N ILE A 480 26.83 -15.09 58.00
CA ILE A 480 28.12 -14.91 57.33
C ILE A 480 28.15 -13.59 56.54
N LEU A 481 27.08 -13.34 55.79
CA LEU A 481 26.96 -12.07 55.07
C LEU A 481 27.07 -10.83 55.96
N LEU A 482 26.30 -10.80 57.06
CA LEU A 482 26.31 -9.69 58.04
C LEU A 482 27.71 -9.26 58.45
N MET A 483 28.60 -10.22 58.59
CA MET A 483 29.94 -9.98 59.13
C MET A 483 31.02 -9.92 58.08
N ASN A 484 30.62 -9.91 56.81
CA ASN A 484 31.56 -9.92 55.71
C ASN A 484 32.16 -8.54 55.49
N THR A 485 33.47 -8.48 55.34
CA THR A 485 34.12 -7.18 55.27
C THR A 485 34.79 -6.96 53.94
N GLU A 486 34.62 -7.89 53.00
CA GLU A 486 35.25 -7.78 51.70
C GLU A 486 34.54 -6.76 50.81
N ASN A 487 33.22 -6.63 51.03
CA ASN A 487 32.42 -5.60 50.35
C ASN A 487 31.43 -5.04 51.38
N LYS A 488 31.95 -4.18 52.24
CA LYS A 488 31.17 -3.55 53.29
C LYS A 488 30.01 -2.73 52.73
N PRO A 489 30.24 -1.93 51.70
CA PRO A 489 29.08 -1.14 51.26
C PRO A 489 27.91 -2.02 50.82
N LEU A 490 28.15 -3.13 50.13
CA LEU A 490 27.09 -4.11 49.83
C LEU A 490 26.43 -4.62 51.09
N ILE A 491 27.22 -4.96 52.11
CA ILE A 491 26.57 -5.47 53.32
C ILE A 491 25.66 -4.42 53.93
N VAL A 492 26.10 -3.17 53.93
CA VAL A 492 25.32 -2.11 54.49
C VAL A 492 23.97 -1.97 53.76
N GLU A 493 23.97 -2.12 52.44
CA GLU A 493 22.72 -1.97 51.69
C GLU A 493 21.72 -3.02 52.08
N ILE A 494 22.20 -4.27 52.23
CA ILE A 494 21.30 -5.45 52.36
C ILE A 494 20.93 -5.80 53.79
N THR A 495 21.66 -5.22 54.75
CA THR A 495 21.52 -5.58 56.20
C THR A 495 20.08 -5.80 56.71
N PRO A 496 19.18 -4.84 56.49
CA PRO A 496 17.83 -4.97 57.00
C PRO A 496 17.13 -6.23 56.49
N TRP A 497 17.29 -6.51 55.21
CA TRP A 497 16.76 -7.71 54.54
C TRP A 497 17.53 -8.93 54.98
N VAL A 498 18.82 -8.80 55.25
CA VAL A 498 19.54 -9.94 55.86
C VAL A 498 18.95 -10.33 57.22
N HIS A 499 18.62 -9.33 58.06
CA HIS A 499 18.01 -9.63 59.37
C HIS A 499 16.68 -10.32 59.18
N GLN A 500 15.87 -9.78 58.27
CA GLN A 500 14.54 -10.26 58.00
C GLN A 500 14.54 -11.68 57.42
N PHE A 501 15.50 -11.92 56.53
CA PHE A 501 15.80 -13.23 55.96
C PHE A 501 16.22 -14.26 57.03
N LYS A 502 17.00 -13.85 58.01
CA LYS A 502 17.31 -14.77 59.12
C LYS A 502 16.04 -15.09 59.89
N LEU A 503 15.30 -14.07 60.26
CA LEU A 503 14.07 -14.27 61.01
C LEU A 503 13.05 -15.13 60.26
N THR A 504 13.00 -15.02 58.94
CA THR A 504 12.19 -15.93 58.13
C THR A 504 12.69 -17.38 58.25
N ALA A 505 13.99 -17.59 58.21
CA ALA A 505 14.52 -18.94 58.32
C ALA A 505 14.21 -19.53 59.68
N GLU A 506 14.36 -18.73 60.74
CA GLU A 506 14.09 -19.19 62.13
C GLU A 506 12.64 -19.54 62.34
N MET A 507 11.76 -18.66 61.85
CA MET A 507 10.34 -18.90 61.87
C MET A 507 10.00 -20.19 61.11
N GLY A 508 10.65 -20.40 59.96
CA GLY A 508 10.53 -21.64 59.22
C GLY A 508 10.83 -22.86 60.07
N GLU A 509 11.95 -22.83 60.78
CA GLU A 509 12.43 -23.95 61.58
C GLU A 509 11.51 -24.29 62.74
N GLU A 510 10.94 -23.27 63.39
CA GLU A 510 10.01 -23.44 64.51
C GLU A 510 8.67 -23.95 64.04
N VAL A 511 8.23 -23.45 62.88
CA VAL A 511 7.00 -23.95 62.29
C VAL A 511 7.11 -25.45 61.94
N LEU A 512 8.27 -25.90 61.44
CA LEU A 512 8.43 -27.34 61.19
C LEU A 512 8.53 -28.17 62.49
N LYS A 513 9.09 -27.60 63.55
CA LYS A 513 9.13 -28.25 64.86
C LYS A 513 7.73 -28.43 65.42
N MET A 514 6.82 -27.51 65.05
CA MET A 514 5.39 -27.59 65.36
C MET A 514 4.69 -28.67 64.56
N VAL A 515 5.25 -29.04 63.41
CA VAL A 515 4.64 -30.04 62.53
C VAL A 515 4.91 -31.46 63.07
N GLU A 516 6.12 -31.64 63.58
CA GLU A 516 6.49 -32.82 64.35
C GLU A 516 6.04 -32.70 65.81
N GLY A 517 5.05 -31.85 66.09
CA GLY A 517 4.62 -31.52 67.47
C GLY A 517 4.60 -32.70 68.40
N ARG A 518 5.69 -32.86 69.18
CA ARG A 518 5.91 -34.09 69.93
C ARG A 518 4.93 -34.27 71.11
N ASN A 519 4.75 -33.21 71.91
CA ASN A 519 3.82 -33.22 73.03
C ASN A 519 3.11 -31.87 73.10
N GLU A 520 2.06 -31.75 73.91
CA GLU A 520 1.26 -30.52 73.92
C GLU A 520 2.04 -29.24 74.31
N SER A 521 2.92 -29.32 75.30
CA SER A 521 3.61 -28.13 75.74
C SER A 521 4.95 -27.82 75.00
N TYR A 522 5.46 -28.74 74.19
CA TYR A 522 6.59 -28.42 73.32
C TYR A 522 6.02 -27.66 72.16
N PHE A 523 4.82 -28.07 71.76
CA PHE A 523 4.06 -27.40 70.73
C PHE A 523 3.84 -25.95 71.08
N LEU A 524 3.46 -25.70 72.33
CA LEU A 524 3.15 -24.32 72.74
C LEU A 524 4.40 -23.47 72.91
N ARG A 525 5.52 -24.08 73.27
CA ARG A 525 6.80 -23.37 73.30
C ARG A 525 7.10 -22.88 71.88
N LYS A 526 6.90 -23.77 70.91
CA LYS A 526 7.13 -23.51 69.48
C LYS A 526 6.22 -22.40 68.97
N TYR A 527 4.95 -22.52 69.28
CA TYR A 527 3.94 -21.56 68.88
C TYR A 527 4.27 -20.18 69.42
N ASN A 528 4.70 -20.12 70.67
CA ASN A 528 5.01 -18.84 71.29
C ASN A 528 6.26 -18.23 70.74
N HIS A 529 7.18 -19.09 70.33
CA HIS A 529 8.42 -18.63 69.75
C HIS A 529 8.13 -18.07 68.35
N VAL A 530 7.24 -18.73 67.60
CA VAL A 530 6.78 -18.26 66.31
C VAL A 530 6.14 -16.88 66.41
N LYS A 531 5.19 -16.70 67.33
CA LYS A 531 4.56 -15.38 67.51
C LYS A 531 5.61 -14.29 67.82
N ALA A 532 6.60 -14.63 68.61
CA ALA A 532 7.65 -13.68 68.98
C ALA A 532 8.51 -13.29 67.76
N LEU A 533 8.83 -14.27 66.91
CA LEU A 533 9.59 -14.06 65.66
C LEU A 533 8.81 -13.25 64.62
N GLN A 534 7.49 -13.47 64.57
CA GLN A 534 6.60 -12.67 63.73
C GLN A 534 6.65 -11.23 64.16
N GLN A 535 6.64 -10.99 65.47
CA GLN A 535 6.63 -9.65 65.98
C GLN A 535 7.94 -8.91 65.69
N GLN A 536 9.05 -9.64 65.68
CA GLN A 536 10.35 -9.07 65.32
C GLN A 536 10.43 -8.62 63.86
N MET A 537 9.87 -9.42 62.98
CA MET A 537 9.75 -9.13 61.55
C MET A 537 8.86 -7.92 61.29
N PHE A 538 7.75 -7.85 62.00
CA PHE A 538 6.87 -6.69 62.02
C PHE A 538 7.62 -5.44 62.51
N TYR A 539 8.47 -5.59 63.52
CA TYR A 539 9.24 -4.47 64.02
C TYR A 539 10.17 -3.92 62.96
N ILE A 540 10.95 -4.81 62.36
CA ILE A 540 11.85 -4.41 61.25
C ILE A 540 11.06 -3.74 60.12
N ASP A 541 9.96 -4.38 59.70
CA ASP A 541 9.09 -3.83 58.64
C ASP A 541 8.53 -2.44 58.96
N GLN A 542 8.49 -2.09 60.24
CA GLN A 542 7.92 -0.80 60.72
C GLN A 542 9.00 0.23 60.99
N THR A 543 10.24 -0.20 61.12
CA THR A 543 11.31 0.74 61.53
C THR A 543 12.42 0.89 60.48
N SER A 544 12.63 -0.16 59.68
CA SER A 544 13.64 -0.07 58.62
C SER A 544 13.02 0.36 57.31
N ASN A 545 13.79 1.13 56.54
CA ASN A 545 13.44 1.54 55.19
C ASN A 545 12.05 2.19 55.14
N GLN A 546 11.85 3.16 56.02
CA GLN A 546 10.56 3.79 56.07
C GLN A 546 10.52 4.92 55.06
N ASN A 547 10.36 4.55 53.79
CA ASN A 547 10.19 5.51 52.72
C ASN A 547 8.70 5.83 52.52
N PRO A 548 8.36 6.98 51.86
CA PRO A 548 6.94 7.32 51.77
C PRO A 548 6.12 6.45 50.84
N TYR A 549 6.77 5.54 50.10
CA TYR A 549 6.06 4.78 49.05
C TYR A 549 5.79 3.34 49.35
N GLN A 550 6.83 2.51 49.46
CA GLN A 550 6.65 1.11 49.89
C GLN A 550 7.54 0.91 51.08
N PRO A 551 7.09 1.34 52.29
CA PRO A 551 8.05 1.30 53.38
C PRO A 551 8.30 -0.13 53.85
N GLY A 552 9.47 -0.37 54.42
CA GLY A 552 9.73 -1.65 55.06
C GLY A 552 10.65 -2.61 54.36
N VAL A 553 10.60 -3.86 54.79
CA VAL A 553 11.57 -4.86 54.43
C VAL A 553 10.85 -6.20 54.23
N LYS A 554 10.66 -6.62 52.97
CA LYS A 554 10.10 -7.94 52.61
C LYS A 554 11.17 -8.85 51.98
N THR A 555 11.06 -10.14 52.25
CA THR A 555 12.08 -11.08 51.87
C THR A 555 11.45 -12.46 51.65
N ALA A 556 12.05 -13.25 50.74
CA ALA A 556 11.58 -14.59 50.43
C ALA A 556 10.06 -14.65 50.33
N THR A 557 9.48 -13.71 49.58
CA THR A 557 8.04 -13.49 49.59
C THR A 557 7.23 -14.40 48.66
N ARG A 558 7.87 -14.97 47.67
CA ARG A 558 7.09 -15.64 46.62
C ARG A 558 6.66 -17.03 47.05
N VAL A 559 7.63 -17.81 47.52
CA VAL A 559 7.43 -19.20 47.88
C VAL A 559 7.62 -19.46 49.40
N ILE A 560 8.69 -18.92 49.99
CA ILE A 560 9.02 -19.27 51.37
C ILE A 560 8.10 -18.67 52.45
N LYS A 561 7.92 -17.36 52.46
CA LYS A 561 7.00 -16.76 53.42
C LYS A 561 5.58 -17.35 53.34
N PRO A 562 4.94 -17.37 52.14
CA PRO A 562 3.66 -18.07 51.99
C PRO A 562 3.62 -19.50 52.59
N LEU A 563 4.56 -20.35 52.22
CA LEU A 563 4.66 -21.70 52.77
C LEU A 563 4.61 -21.72 54.31
N ILE A 564 5.53 -20.99 54.95
CA ILE A 564 5.64 -20.92 56.40
C ILE A 564 4.32 -20.41 57.01
N ASP A 565 3.82 -19.29 56.50
CA ASP A 565 2.56 -18.72 56.94
C ASP A 565 1.39 -19.71 56.84
N ARG A 566 1.35 -20.46 55.75
CA ARG A 566 0.26 -21.39 55.54
C ARG A 566 0.37 -22.64 56.38
N THR A 567 1.55 -23.24 56.44
CA THR A 567 1.82 -24.35 57.35
C THR A 567 1.50 -23.99 58.80
N PHE A 568 1.82 -22.76 59.21
CA PHE A 568 1.62 -22.38 60.60
C PHE A 568 0.14 -22.36 60.92
N ALA A 569 -0.65 -21.62 60.13
CA ALA A 569 -2.10 -21.56 60.29
C ALA A 569 -2.74 -22.95 60.21
N THR A 570 -2.04 -23.91 59.61
CA THR A 570 -2.54 -25.26 59.44
C THR A 570 -2.32 -26.13 60.69
N VAL A 571 -1.07 -26.33 61.12
CA VAL A 571 -0.79 -27.07 62.38
C VAL A 571 -1.51 -26.53 63.62
N VAL A 572 -1.70 -25.20 63.66
CA VAL A 572 -2.45 -24.52 64.72
C VAL A 572 -3.90 -24.90 64.68
N LYS A 573 -4.49 -24.98 63.49
CA LYS A 573 -5.91 -25.30 63.37
C LYS A 573 -6.20 -26.76 63.73
N PHE A 574 -5.29 -27.66 63.36
CA PHE A 574 -5.35 -29.07 63.77
C PHE A 574 -5.28 -29.21 65.30
N PHE A 575 -4.46 -28.36 65.92
CA PHE A 575 -4.31 -28.30 67.37
C PHE A 575 -5.56 -27.74 68.05
N ASN A 576 -6.18 -26.73 67.45
CA ASN A 576 -7.44 -26.13 67.94
C ASN A 576 -8.64 -27.08 67.85
N GLN A 577 -8.35 -28.34 67.56
CA GLN A 577 -9.37 -29.34 67.32
C GLN A 577 -8.94 -30.71 67.86
N LYS A 578 -7.65 -30.91 68.09
CA LYS A 578 -7.17 -32.07 68.83
C LYS A 578 -7.27 -31.78 70.33
N PHE A 579 -6.97 -30.54 70.71
CA PHE A 579 -7.00 -30.13 72.12
C PHE A 579 -8.10 -29.09 72.35
N ASN A 580 -9.03 -28.99 71.41
CA ASN A 580 -10.11 -27.99 71.45
C ASN A 580 -9.68 -26.64 72.03
N ALA A 581 -8.70 -26.00 71.37
CA ALA A 581 -8.12 -24.73 71.86
C ALA A 581 -8.67 -23.46 71.16
N HIS A 582 -8.10 -22.32 71.56
CA HIS A 582 -8.45 -20.99 71.02
C HIS A 582 -7.20 -20.23 70.50
N LEU A 583 -6.17 -20.97 70.08
CA LEU A 583 -4.92 -20.37 69.58
C LEU A 583 -5.18 -19.47 68.40
N ASP A 584 -4.49 -18.33 68.40
CA ASP A 584 -4.50 -17.40 67.29
C ASP A 584 -3.62 -17.98 66.17
N ALA A 585 -4.25 -18.24 65.02
CA ALA A 585 -3.59 -18.86 63.86
C ALA A 585 -3.11 -17.82 62.82
N THR A 586 -3.39 -16.56 63.09
CA THR A 586 -3.08 -15.49 62.15
C THR A 586 -1.58 -15.21 62.10
N THR A 587 -1.15 -14.65 60.97
CA THR A 587 0.26 -14.44 60.67
C THR A 587 0.62 -12.95 60.52
N ASP A 588 -0.40 -12.09 60.57
CA ASP A 588 -0.28 -10.63 60.63
C ASP A 588 -0.52 -10.15 62.06
N SER B 3 -10.40 -10.07 -40.21
CA SER B 3 -11.30 -9.90 -41.38
C SER B 3 -11.13 -8.45 -41.93
N LEU B 4 -10.60 -8.26 -43.17
CA LEU B 4 -10.55 -6.94 -43.89
C LEU B 4 -11.99 -6.54 -43.91
N GLN B 5 -12.34 -5.53 -43.13
CA GLN B 5 -13.05 -4.30 -43.38
C GLN B 5 -12.65 -2.86 -43.72
N PRO B 6 -13.42 -2.30 -44.67
CA PRO B 6 -14.36 -3.04 -45.51
C PRO B 6 -13.62 -4.06 -46.42
N PRO B 7 -14.33 -5.13 -46.88
CA PRO B 7 -13.63 -6.14 -47.68
C PRO B 7 -13.34 -5.59 -49.11
N PRO B 8 -12.12 -5.85 -49.63
CA PRO B 8 -11.67 -5.35 -50.95
C PRO B 8 -12.56 -5.84 -52.09
N GLN B 9 -12.60 -5.06 -53.17
CA GLN B 9 -13.29 -5.50 -54.37
C GLN B 9 -12.71 -6.76 -54.97
N GLN B 10 -11.38 -6.78 -55.01
CA GLN B 10 -10.69 -7.92 -55.53
C GLN B 10 -9.49 -8.25 -54.64
N LEU B 11 -9.34 -9.54 -54.37
CA LEU B 11 -8.31 -10.01 -53.46
C LEU B 11 -7.81 -11.37 -53.90
N ILE B 12 -6.49 -11.51 -54.01
CA ILE B 12 -5.86 -12.80 -54.25
C ILE B 12 -4.83 -13.03 -53.16
N VAL B 13 -5.02 -14.11 -52.41
CA VAL B 13 -4.09 -14.47 -51.36
C VAL B 13 -3.24 -15.66 -51.80
N GLN B 14 -1.91 -15.47 -51.77
CA GLN B 14 -0.97 -16.58 -51.88
C GLN B 14 -0.78 -17.09 -50.48
N ASN B 15 -0.63 -18.40 -50.33
CA ASN B 15 -0.53 -18.94 -48.98
C ASN B 15 0.83 -18.80 -48.34
N LYS B 16 1.74 -18.10 -49.01
CA LYS B 16 2.98 -17.68 -48.38
C LYS B 16 2.74 -16.46 -47.49
N THR B 17 3.59 -16.29 -46.48
CA THR B 17 3.64 -15.09 -45.64
C THR B 17 5.09 -14.59 -45.56
N ILE B 18 5.27 -13.28 -45.62
CA ILE B 18 6.60 -12.67 -45.61
C ILE B 18 6.82 -11.86 -44.33
N ASP B 19 8.08 -11.58 -44.00
CA ASP B 19 8.37 -10.70 -42.86
C ASP B 19 8.27 -9.22 -43.25
N LEU B 20 7.80 -8.40 -42.32
CA LEU B 20 7.90 -6.95 -42.43
C LEU B 20 9.40 -6.64 -42.50
N PRO B 21 9.83 -5.84 -43.50
CA PRO B 21 11.27 -5.66 -43.77
C PRO B 21 12.08 -5.12 -42.58
N ALA B 22 13.02 -5.93 -42.08
CA ALA B 22 14.02 -5.48 -41.11
C ALA B 22 14.75 -4.24 -41.64
N VAL B 23 15.16 -4.30 -42.90
CA VAL B 23 15.79 -3.18 -43.64
C VAL B 23 15.02 -2.98 -44.96
N TYR B 24 14.74 -1.72 -45.32
CA TYR B 24 13.87 -1.46 -46.47
C TYR B 24 14.28 -0.24 -47.28
N GLN B 25 13.80 -0.14 -48.52
CA GLN B 25 14.05 1.01 -49.38
C GLN B 25 12.71 1.69 -49.73
N LEU B 26 12.50 2.92 -49.23
CA LEU B 26 11.27 3.66 -49.53
C LEU B 26 11.38 4.49 -50.82
N ASN B 27 10.44 4.26 -51.71
CA ASN B 27 10.37 4.99 -52.97
C ASN B 27 9.01 5.72 -53.02
N GLY B 28 9.04 7.04 -53.16
CA GLY B 28 7.82 7.85 -53.29
C GLY B 28 7.43 8.63 -52.05
N GLY B 29 8.18 8.39 -50.95
CA GLY B 29 7.99 9.05 -49.66
C GLY B 29 7.72 10.55 -49.69
N GLU B 30 8.19 11.20 -50.74
CA GLU B 30 8.13 12.64 -50.83
C GLU B 30 7.19 13.13 -51.91
N GLU B 31 6.66 12.20 -52.72
CA GLU B 31 5.66 12.58 -53.75
C GLU B 31 4.26 11.95 -53.53
N ALA B 32 4.21 11.00 -52.60
CA ALA B 32 2.96 10.32 -52.18
C ALA B 32 2.21 11.15 -51.13
N ASN B 33 0.91 10.86 -50.97
CA ASN B 33 0.05 11.47 -49.94
C ASN B 33 0.68 11.44 -48.55
N PRO B 34 1.02 12.63 -48.00
CA PRO B 34 1.70 12.71 -46.68
C PRO B 34 0.93 12.04 -45.54
N HIS B 35 -0.42 12.07 -45.63
CA HIS B 35 -1.22 11.33 -44.64
C HIS B 35 -1.01 9.83 -44.79
N ALA B 36 -0.79 9.37 -46.04
CA ALA B 36 -0.47 7.96 -46.29
C ALA B 36 0.95 7.63 -45.84
N VAL B 37 1.90 8.51 -46.17
CA VAL B 37 3.30 8.27 -45.78
C VAL B 37 3.44 8.27 -44.27
N LYS B 38 2.71 9.18 -43.61
CA LYS B 38 2.73 9.20 -42.13
C LYS B 38 2.34 7.84 -41.51
N VAL B 39 1.21 7.30 -41.94
CA VAL B 39 0.73 5.99 -41.49
C VAL B 39 1.76 4.90 -41.82
N LEU B 40 2.32 4.93 -43.04
CA LEU B 40 3.36 3.97 -43.41
C LEU B 40 4.57 4.05 -42.50
N LYS B 41 5.03 5.27 -42.23
CA LYS B 41 6.20 5.50 -41.39
C LYS B 41 5.97 5.02 -39.96
N GLU B 42 4.72 5.14 -39.50
CA GLU B 42 4.32 4.67 -38.17
C GLU B 42 4.41 3.14 -38.06
N LEU B 43 4.01 2.45 -39.13
CA LEU B 43 4.01 0.99 -39.13
C LEU B 43 5.45 0.42 -39.22
N LEU B 44 6.39 1.26 -39.65
CA LEU B 44 7.78 0.84 -39.87
C LEU B 44 8.73 1.27 -38.74
N SER B 45 9.48 0.30 -38.22
CA SER B 45 10.60 0.57 -37.30
C SER B 45 11.97 0.29 -38.00
N GLY B 46 12.49 1.32 -38.67
CA GLY B 46 13.78 1.34 -39.42
C GLY B 46 14.46 0.05 -39.90
N LYS B 47 15.49 0.19 -40.75
CA LYS B 47 15.97 1.49 -41.19
C LYS B 47 15.83 1.63 -42.70
N GLN B 48 15.91 2.87 -43.17
CA GLN B 48 15.95 3.16 -44.60
C GLN B 48 17.35 2.85 -45.18
N SER B 49 17.39 2.35 -46.42
CA SER B 49 18.64 1.94 -47.08
C SER B 49 18.65 2.20 -48.60
N GLY B 53 18.02 -3.69 -48.89
CA GLY B 53 16.70 -3.11 -48.60
C GLY B 53 15.60 -3.53 -49.56
N MET B 54 14.57 -4.19 -49.00
CA MET B 54 13.33 -4.53 -49.70
C MET B 54 12.65 -3.26 -50.17
N LEU B 55 12.25 -3.21 -51.44
CA LEU B 55 11.64 -2.01 -51.98
C LEU B 55 10.16 -1.96 -51.59
N ILE B 56 9.75 -0.78 -51.11
CA ILE B 56 8.36 -0.43 -50.82
C ILE B 56 8.04 0.86 -51.58
N SER B 57 7.09 0.79 -52.50
CA SER B 57 6.75 1.93 -53.33
C SER B 57 5.38 2.44 -52.91
N ILE B 58 5.28 3.74 -52.72
CA ILE B 58 4.02 4.41 -52.40
C ILE B 58 3.88 5.62 -53.30
N GLY B 59 2.70 5.81 -53.86
CA GLY B 59 2.41 6.99 -54.66
C GLY B 59 1.03 6.91 -55.26
N GLU B 60 0.63 8.01 -55.89
CA GLU B 60 -0.61 8.11 -56.62
C GLU B 60 -0.31 7.90 -58.11
N LYS B 61 -1.30 7.49 -58.91
CA LYS B 61 -1.14 7.37 -60.35
C LYS B 61 -0.55 8.68 -60.83
N GLY B 62 0.57 8.62 -61.55
CA GLY B 62 1.32 9.81 -62.04
C GLY B 62 2.65 9.99 -61.32
N ASP B 63 2.75 9.48 -60.10
CA ASP B 63 3.98 9.53 -59.32
C ASP B 63 5.03 8.65 -59.93
N LYS B 64 6.27 9.11 -59.88
CA LYS B 64 7.36 8.38 -60.49
C LYS B 64 7.65 7.11 -59.70
N SER B 65 7.21 7.09 -58.44
CA SER B 65 7.43 5.90 -57.59
C SER B 65 6.61 4.69 -58.03
N VAL B 66 5.46 4.93 -58.65
CA VAL B 66 4.53 3.84 -58.98
C VAL B 66 4.28 3.66 -60.49
N ARG B 67 5.19 4.22 -61.31
CA ARG B 67 5.12 4.17 -62.77
C ARG B 67 4.88 2.76 -63.30
N LYS B 68 5.61 1.81 -62.72
CA LYS B 68 5.57 0.41 -63.13
C LYS B 68 4.20 -0.25 -62.96
N TYR B 69 3.42 0.25 -62.00
CA TYR B 69 2.14 -0.39 -61.66
C TYR B 69 0.90 0.37 -62.08
N SER B 70 1.03 1.23 -63.10
CA SER B 70 -0.09 2.05 -63.58
C SER B 70 -1.27 1.25 -64.09
N ARG B 71 -1.00 0.06 -64.60
CA ARG B 71 -2.02 -0.79 -65.24
C ARG B 71 -2.86 -1.43 -64.17
N GLN B 72 -2.16 -1.69 -63.06
CA GLN B 72 -2.68 -2.34 -61.86
C GLN B 72 -3.66 -1.51 -61.02
N ILE B 73 -3.44 -0.18 -60.97
CA ILE B 73 -4.26 0.76 -60.21
C ILE B 73 -5.66 0.95 -60.80
N PRO B 74 -6.71 0.59 -60.03
CA PRO B 74 -8.09 0.72 -60.50
C PRO B 74 -8.43 2.14 -60.91
N ASP B 75 -9.16 2.28 -62.02
CA ASP B 75 -9.51 3.59 -62.55
C ASP B 75 -10.83 4.02 -61.94
N HIS B 76 -10.76 4.23 -60.63
CA HIS B 76 -11.90 4.64 -59.83
C HIS B 76 -11.39 5.69 -58.82
N LYS B 77 -12.21 6.71 -58.57
CA LYS B 77 -11.93 7.64 -57.49
C LYS B 77 -11.83 6.86 -56.17
N GLU B 78 -10.77 7.12 -55.43
CA GLU B 78 -10.48 6.47 -54.14
C GLU B 78 -10.05 5.00 -54.27
N GLY B 79 -9.82 4.58 -55.51
CA GLY B 79 -9.24 3.28 -55.83
C GLY B 79 -7.78 3.20 -55.47
N TYR B 80 -7.27 1.97 -55.39
CA TYR B 80 -5.86 1.70 -55.05
C TYR B 80 -5.44 0.27 -55.41
N TYR B 81 -4.13 0.04 -55.50
CA TYR B 81 -3.57 -1.27 -55.79
C TYR B 81 -2.59 -1.58 -54.68
N LEU B 82 -2.70 -2.75 -54.09
CA LEU B 82 -1.81 -3.13 -53.03
C LEU B 82 -1.21 -4.47 -53.39
N SER B 83 0.11 -4.59 -53.21
CA SER B 83 0.78 -5.88 -53.41
C SER B 83 1.88 -6.12 -52.39
N VAL B 84 1.85 -7.33 -51.83
CA VAL B 84 2.93 -7.86 -51.01
C VAL B 84 3.37 -9.18 -51.63
N ASN B 85 4.69 -9.36 -51.73
CA ASN B 85 5.31 -10.64 -52.09
C ASN B 85 6.74 -10.61 -51.58
N GLU B 86 7.47 -11.71 -51.80
CA GLU B 86 8.92 -11.81 -51.54
C GLU B 86 9.74 -10.57 -51.90
N LYS B 87 9.56 -10.08 -53.14
CA LYS B 87 10.44 -9.08 -53.74
C LYS B 87 10.16 -7.63 -53.31
N GLU B 88 8.88 -7.25 -53.30
CA GLU B 88 8.50 -5.85 -53.04
C GLU B 88 7.12 -5.67 -52.40
N ILE B 89 6.87 -4.46 -51.87
CA ILE B 89 5.53 -4.03 -51.43
C ILE B 89 5.09 -2.79 -52.21
N VAL B 90 3.90 -2.85 -52.82
CA VAL B 90 3.35 -1.75 -53.62
C VAL B 90 2.08 -1.20 -52.96
N LEU B 91 2.04 0.13 -52.76
CA LEU B 91 0.89 0.84 -52.19
C LEU B 91 0.58 2.01 -53.09
N ALA B 92 -0.27 1.77 -54.08
CA ALA B 92 -0.48 2.74 -55.15
C ALA B 92 -1.92 3.17 -55.20
N GLY B 93 -2.17 4.46 -54.97
CA GLY B 93 -3.51 4.99 -55.12
C GLY B 93 -3.79 5.54 -56.49
N ASN B 94 -5.06 5.55 -56.89
CA ASN B 94 -5.50 6.25 -58.08
C ASN B 94 -5.55 7.79 -57.86
N ASP B 95 -5.59 8.18 -56.59
CA ASP B 95 -5.57 9.58 -56.16
C ASP B 95 -5.10 9.53 -54.72
N GLU B 96 -4.98 10.69 -54.08
CA GLU B 96 -4.34 10.73 -52.76
C GLU B 96 -5.12 9.96 -51.68
N ARG B 97 -6.45 9.98 -51.76
CA ARG B 97 -7.27 9.25 -50.79
C ARG B 97 -7.14 7.74 -51.00
N GLY B 98 -7.08 7.33 -52.27
CA GLY B 98 -6.75 5.93 -52.61
C GLY B 98 -5.48 5.41 -51.99
N THR B 99 -4.42 6.22 -51.96
CA THR B 99 -3.14 5.79 -51.33
C THR B 99 -3.30 5.65 -49.82
N TYR B 100 -4.05 6.58 -49.20
CA TYR B 100 -4.41 6.52 -47.77
C TYR B 100 -5.15 5.22 -47.45
N TYR B 101 -6.15 4.92 -48.29
CA TYR B 101 -6.96 3.76 -48.15
C TYR B 101 -6.12 2.49 -48.31
N ALA B 102 -5.17 2.50 -49.24
CA ALA B 102 -4.27 1.36 -49.41
C ALA B 102 -3.61 1.10 -48.07
N LEU B 103 -3.16 2.15 -47.40
CA LEU B 103 -2.50 1.97 -46.09
C LEU B 103 -3.45 1.47 -45.00
N GLN B 104 -4.73 1.87 -45.06
CA GLN B 104 -5.70 1.40 -44.08
C GLN B 104 -5.90 -0.09 -44.26
N THR B 105 -5.95 -0.55 -45.51
CA THR B 105 -5.96 -1.99 -45.77
C THR B 105 -4.64 -2.63 -45.38
N PHE B 106 -3.52 -1.98 -45.71
CA PHE B 106 -2.21 -2.44 -45.28
C PHE B 106 -2.10 -2.70 -43.78
N ALA B 107 -2.34 -1.68 -42.95
CA ALA B 107 -2.30 -1.85 -41.48
C ALA B 107 -3.12 -3.02 -40.94
N GLN B 108 -4.23 -3.36 -41.60
CA GLN B 108 -5.00 -4.54 -41.22
C GLN B 108 -4.33 -5.90 -41.54
N LEU B 109 -3.46 -5.94 -42.56
CA LEU B 109 -2.79 -7.18 -43.00
C LEU B 109 -1.63 -7.58 -42.09
N LEU B 110 -0.93 -6.56 -41.60
CA LEU B 110 0.28 -6.72 -40.77
C LEU B 110 -0.07 -7.27 -39.41
N LYS B 111 0.24 -8.55 -39.18
CA LYS B 111 -0.08 -9.20 -37.91
C LYS B 111 1.17 -9.84 -37.31
N ASP B 112 1.47 -9.47 -36.06
CA ASP B 112 2.69 -9.89 -35.37
C ASP B 112 3.98 -9.60 -36.17
N GLY B 113 4.00 -8.48 -36.89
CA GLY B 113 5.16 -8.13 -37.73
C GLY B 113 5.30 -8.90 -39.04
N LYS B 114 4.28 -9.67 -39.42
CA LYS B 114 4.29 -10.41 -40.69
C LYS B 114 3.14 -10.01 -41.61
N LEU B 115 3.31 -10.26 -42.90
CA LEU B 115 2.29 -9.94 -43.88
C LEU B 115 1.99 -11.15 -44.76
N PRO B 116 0.72 -11.31 -45.18
CA PRO B 116 0.46 -12.35 -46.15
C PRO B 116 0.89 -11.85 -47.53
N GLU B 117 1.07 -12.78 -48.44
CA GLU B 117 1.43 -12.44 -49.79
C GLU B 117 0.12 -12.26 -50.53
N VAL B 118 -0.20 -11.03 -50.92
CA VAL B 118 -1.52 -10.69 -51.47
C VAL B 118 -1.43 -9.72 -52.62
N GLU B 119 -2.49 -9.66 -53.40
CA GLU B 119 -2.63 -8.65 -54.42
C GLU B 119 -4.08 -8.20 -54.33
N ILE B 120 -4.27 -6.89 -54.18
CA ILE B 120 -5.57 -6.33 -53.91
C ILE B 120 -5.83 -5.21 -54.89
N LYS B 121 -7.00 -5.20 -55.52
CA LYS B 121 -7.39 -4.07 -56.37
C LYS B 121 -8.74 -3.60 -55.82
N ASP B 122 -8.81 -2.37 -55.32
CA ASP B 122 -9.90 -1.96 -54.45
C ASP B 122 -10.38 -0.56 -54.76
N TYR B 123 -11.64 -0.28 -54.40
CA TYR B 123 -12.31 0.97 -54.72
C TYR B 123 -13.73 0.89 -54.13
N PRO B 124 -14.36 2.04 -53.81
CA PRO B 124 -15.69 2.01 -53.23
C PRO B 124 -16.81 1.90 -54.25
N SER B 125 -17.85 1.16 -53.92
CA SER B 125 -19.05 1.10 -54.75
C SER B 125 -20.00 2.30 -54.60
N VAL B 126 -19.90 3.01 -53.47
CA VAL B 126 -20.72 4.20 -53.24
C VAL B 126 -19.77 5.42 -53.05
N ARG B 127 -20.08 6.53 -53.70
CA ARG B 127 -19.19 7.68 -53.81
C ARG B 127 -18.93 8.34 -52.46
N TYR B 128 -20.01 8.72 -51.78
CA TYR B 128 -19.90 9.32 -50.43
C TYR B 128 -20.40 8.35 -49.35
N ARG B 129 -19.53 8.12 -48.36
CA ARG B 129 -19.78 7.13 -47.29
C ARG B 129 -19.43 7.70 -45.93
N GLY B 130 -20.39 7.81 -45.02
CA GLY B 130 -20.03 8.24 -43.66
C GLY B 130 -21.17 8.42 -42.68
N VAL B 131 -21.02 9.47 -41.85
CA VAL B 131 -21.90 9.76 -40.74
C VAL B 131 -22.45 11.17 -40.86
N VAL B 132 -23.75 11.34 -40.58
CA VAL B 132 -24.30 12.65 -40.29
C VAL B 132 -24.70 12.73 -38.82
N GLU B 133 -24.02 13.62 -38.08
CA GLU B 133 -24.43 13.95 -36.73
C GLU B 133 -25.62 14.87 -36.86
N GLY B 134 -26.82 14.32 -37.06
CA GLY B 134 -27.96 15.16 -37.29
C GLY B 134 -29.18 14.86 -36.44
N PHE B 135 -28.93 14.26 -35.27
CA PHE B 135 -29.94 13.84 -34.33
C PHE B 135 -30.35 14.97 -33.41
N TYR B 136 -31.52 14.85 -32.76
CA TYR B 136 -31.95 15.69 -31.64
C TYR B 136 -31.36 15.11 -30.37
N GLY B 137 -31.02 15.99 -29.40
CA GLY B 137 -30.31 15.61 -28.16
C GLY B 137 -28.92 16.22 -27.98
N THR B 138 -28.26 15.83 -26.89
CA THR B 138 -26.96 16.35 -26.54
C THR B 138 -26.01 16.06 -27.68
N PRO B 139 -25.44 17.10 -28.31
CA PRO B 139 -24.48 16.89 -29.40
C PRO B 139 -23.22 16.22 -28.87
N TRP B 140 -22.50 15.56 -29.77
CA TRP B 140 -21.31 14.80 -29.42
C TRP B 140 -20.34 15.76 -28.84
N SER B 141 -19.59 15.33 -27.82
CA SER B 141 -18.55 16.19 -27.26
C SER B 141 -17.44 16.41 -28.30
N HIS B 142 -16.58 17.38 -28.03
CA HIS B 142 -15.45 17.62 -28.90
C HIS B 142 -14.53 16.40 -28.94
N GLN B 143 -14.20 15.83 -27.79
CA GLN B 143 -13.35 14.65 -27.77
C GLN B 143 -13.98 13.45 -28.47
N ALA B 144 -15.31 13.28 -28.34
CA ALA B 144 -15.99 12.19 -29.06
C ALA B 144 -15.85 12.38 -30.57
N ARG B 145 -15.97 13.62 -31.05
CA ARG B 145 -15.78 13.90 -32.48
C ARG B 145 -14.37 13.62 -32.99
N LEU B 146 -13.34 14.01 -32.24
CA LEU B 146 -11.98 13.70 -32.63
C LEU B 146 -11.83 12.21 -32.83
N SER B 147 -12.34 11.45 -31.86
CA SER B 147 -12.32 10.02 -31.94
C SER B 147 -13.04 9.45 -33.16
N GLN B 148 -14.20 10.01 -33.47
CA GLN B 148 -14.99 9.56 -34.59
C GLN B 148 -14.20 9.70 -35.87
N LEU B 149 -13.54 10.85 -36.08
CA LEU B 149 -12.86 11.11 -37.34
C LEU B 149 -11.70 10.16 -37.63
N LYS B 150 -10.96 9.75 -36.60
CA LYS B 150 -9.92 8.75 -36.76
C LYS B 150 -10.53 7.38 -37.14
N PHE B 151 -11.71 7.10 -36.58
CA PHE B 151 -12.39 5.84 -36.79
C PHE B 151 -12.86 5.81 -38.23
N TYR B 152 -13.35 6.95 -38.72
CA TYR B 152 -13.83 7.04 -40.09
C TYR B 152 -12.72 6.82 -41.08
N GLY B 153 -11.53 7.36 -40.80
CA GLY B 153 -10.37 7.16 -41.69
C GLY B 153 -9.99 5.71 -41.83
N LYS B 154 -9.79 5.07 -40.69
CA LYS B 154 -9.52 3.64 -40.58
C LYS B 154 -10.46 2.73 -41.39
N ASN B 155 -11.71 3.15 -41.54
CA ASN B 155 -12.76 2.36 -42.17
C ASN B 155 -13.17 2.92 -43.54
N LYS B 156 -12.40 3.90 -44.01
CA LYS B 156 -12.61 4.45 -45.36
C LYS B 156 -13.96 5.14 -45.50
N MET B 157 -14.45 5.75 -44.42
CA MET B 157 -15.58 6.67 -44.61
C MET B 157 -15.01 8.06 -44.95
N ASN B 158 -15.58 8.72 -45.95
CA ASN B 158 -15.00 9.97 -46.46
C ASN B 158 -15.88 11.21 -46.20
N THR B 159 -16.91 11.03 -45.39
CA THR B 159 -17.92 12.04 -45.14
C THR B 159 -18.28 12.04 -43.65
N TYR B 160 -18.17 13.24 -43.06
CA TYR B 160 -18.70 13.58 -41.74
C TYR B 160 -19.53 14.83 -41.96
N ILE B 161 -20.86 14.70 -41.88
CA ILE B 161 -21.74 15.86 -41.98
C ILE B 161 -22.09 16.32 -40.55
N TYR B 162 -21.68 17.55 -40.22
CA TYR B 162 -21.91 18.13 -38.92
C TYR B 162 -23.23 18.85 -38.96
N GLY B 163 -24.19 18.43 -38.15
CA GLY B 163 -25.49 19.08 -38.12
C GLY B 163 -26.35 18.76 -36.89
N PRO B 164 -25.80 18.90 -35.66
CA PRO B 164 -26.63 18.45 -34.54
C PRO B 164 -27.79 19.40 -34.38
N LYS B 165 -29.00 18.88 -34.25
CA LYS B 165 -30.21 19.72 -34.18
C LYS B 165 -30.15 20.73 -33.05
N ASP B 166 -29.43 20.38 -31.98
CA ASP B 166 -29.40 21.20 -30.77
C ASP B 166 -28.24 22.21 -30.65
N ASP B 167 -27.40 22.27 -31.67
CA ASP B 167 -26.38 23.32 -31.77
C ASP B 167 -27.03 24.62 -32.29
N PRO B 168 -27.04 25.68 -31.45
CA PRO B 168 -27.71 26.94 -31.79
C PRO B 168 -27.06 27.73 -32.93
N TYR B 169 -25.78 27.51 -33.20
CA TYR B 169 -25.13 28.15 -34.36
C TYR B 169 -25.34 27.36 -35.68
N HIS B 170 -26.00 26.19 -35.61
CA HIS B 170 -26.33 25.38 -36.78
C HIS B 170 -27.79 25.60 -37.17
N SER B 171 -28.66 25.74 -36.18
CA SER B 171 -30.09 25.91 -36.39
C SER B 171 -30.55 27.31 -36.00
N ALA B 172 -31.86 27.51 -35.91
CA ALA B 172 -32.50 28.82 -35.63
C ALA B 172 -32.55 29.18 -34.12
N PRO B 173 -32.40 30.49 -33.74
CA PRO B 173 -32.12 31.78 -34.41
C PRO B 173 -30.81 31.77 -35.19
N ASN B 174 -29.77 31.09 -34.75
CA ASN B 174 -28.50 31.70 -34.30
C ASN B 174 -27.52 31.18 -35.37
N TRP B 175 -28.08 30.44 -36.35
CA TRP B 175 -27.42 30.10 -37.60
C TRP B 175 -26.84 31.34 -38.32
N ARG B 176 -27.41 32.52 -38.04
CA ARG B 176 -26.98 33.80 -38.59
C ARG B 176 -25.66 34.29 -37.97
N LEU B 177 -25.41 33.90 -36.71
CA LEU B 177 -24.19 34.29 -35.95
C LEU B 177 -22.98 33.40 -36.24
N PRO B 178 -21.76 34.00 -36.28
CA PRO B 178 -20.59 33.14 -36.34
C PRO B 178 -20.36 32.44 -34.99
N TYR B 179 -19.68 31.31 -35.00
CA TYR B 179 -19.36 30.61 -33.76
C TYR B 179 -18.51 31.50 -32.85
N PRO B 180 -18.76 31.48 -31.51
CA PRO B 180 -17.82 32.18 -30.63
C PRO B 180 -16.44 31.58 -30.83
N ASP B 181 -15.40 32.29 -30.37
CA ASP B 181 -14.01 31.89 -30.60
C ASP B 181 -13.70 30.48 -30.16
N LYS B 182 -14.16 30.11 -28.98
CA LYS B 182 -13.80 28.81 -28.43
C LYS B 182 -14.28 27.72 -29.37
N GLU B 183 -15.59 27.71 -29.64
CA GLU B 183 -16.23 26.80 -30.58
C GLU B 183 -15.62 26.82 -31.97
N ALA B 184 -15.33 28.02 -32.49
CA ALA B 184 -14.60 28.19 -33.74
C ALA B 184 -13.23 27.51 -33.79
N ALA B 185 -12.43 27.66 -32.72
CA ALA B 185 -11.09 27.01 -32.67
C ALA B 185 -11.26 25.49 -32.59
N GLN B 186 -12.38 25.05 -32.01
CA GLN B 186 -12.68 23.63 -31.89
C GLN B 186 -13.09 23.05 -33.23
N LEU B 187 -13.88 23.77 -34.00
CA LEU B 187 -14.31 23.32 -35.31
C LEU B 187 -13.14 23.29 -36.31
N GLN B 188 -12.35 24.36 -36.32
CA GLN B 188 -11.01 24.40 -36.96
C GLN B 188 -10.18 23.14 -36.63
N GLU B 189 -10.15 22.74 -35.37
CA GLU B 189 -9.43 21.51 -34.97
C GLU B 189 -10.08 20.24 -35.57
N LEU B 190 -11.41 20.13 -35.53
CA LEU B 190 -12.09 19.02 -36.17
C LEU B 190 -11.72 18.97 -37.63
N VAL B 191 -11.83 20.11 -38.33
CA VAL B 191 -11.45 20.19 -39.75
C VAL B 191 -10.02 19.69 -40.06
N ALA B 192 -9.01 20.18 -39.33
CA ALA B 192 -7.64 19.69 -39.50
C ALA B 192 -7.52 18.17 -39.34
N VAL B 193 -8.15 17.62 -38.30
CA VAL B 193 -8.07 16.22 -37.99
C VAL B 193 -8.82 15.37 -39.03
N ALA B 194 -9.88 15.93 -39.62
CA ALA B 194 -10.64 15.27 -40.66
C ALA B 194 -9.81 15.22 -41.91
N ASN B 195 -9.22 16.35 -42.27
CA ASN B 195 -8.24 16.39 -43.34
C ASN B 195 -7.16 15.30 -43.24
N GLU B 196 -6.50 15.18 -42.08
CA GLU B 196 -5.46 14.15 -41.88
C GLU B 196 -5.96 12.71 -42.00
N ASN B 197 -7.28 12.52 -41.98
CA ASN B 197 -7.88 11.20 -41.95
C ASN B 197 -8.70 11.00 -43.20
N GLU B 198 -8.57 11.95 -44.12
CA GLU B 198 -9.17 11.90 -45.44
C GLU B 198 -10.68 11.93 -45.41
N VAL B 199 -11.22 12.66 -44.43
CA VAL B 199 -12.66 12.86 -44.31
C VAL B 199 -13.03 14.27 -44.75
N ASP B 200 -14.06 14.43 -45.58
CA ASP B 200 -14.66 15.73 -45.83
C ASP B 200 -15.54 16.13 -44.66
N PHE B 201 -15.14 17.18 -43.94
CA PHE B 201 -15.99 17.78 -42.94
C PHE B 201 -17.06 18.55 -43.67
N VAL B 202 -18.33 18.13 -43.59
CA VAL B 202 -19.38 18.87 -44.27
C VAL B 202 -20.13 19.65 -43.21
N TRP B 203 -20.05 20.96 -43.22
CA TRP B 203 -20.73 21.75 -42.23
C TRP B 203 -22.12 22.04 -42.77
N ALA B 204 -23.14 21.65 -42.02
CA ALA B 204 -24.52 21.89 -42.40
C ALA B 204 -25.10 23.07 -41.61
N ILE B 205 -26.10 23.73 -42.20
CA ILE B 205 -26.81 24.84 -41.59
C ILE B 205 -28.28 24.48 -41.73
N HIS B 206 -29.14 24.93 -40.80
CA HIS B 206 -30.52 24.48 -40.69
C HIS B 206 -31.33 25.76 -40.42
N PRO B 207 -31.51 26.61 -41.48
CA PRO B 207 -32.10 27.95 -41.38
C PRO B 207 -33.61 28.07 -41.58
N GLY B 208 -34.24 27.03 -42.12
CA GLY B 208 -35.61 27.12 -42.67
C GLY B 208 -36.76 27.46 -41.72
N GLN B 209 -36.55 27.34 -40.41
CA GLN B 209 -37.62 27.59 -39.42
C GLN B 209 -37.92 29.10 -39.25
N ASP B 210 -36.90 29.92 -39.42
CA ASP B 210 -37.14 31.36 -39.38
C ASP B 210 -36.51 32.11 -40.56
N ILE B 211 -36.05 31.38 -41.58
CA ILE B 211 -35.48 32.06 -42.77
C ILE B 211 -36.50 33.03 -43.37
N LYS B 212 -36.01 34.21 -43.76
CA LYS B 212 -36.78 35.17 -44.55
C LYS B 212 -36.26 35.03 -45.95
N TRP B 213 -37.14 34.92 -46.93
CA TRP B 213 -36.68 34.83 -48.33
C TRP B 213 -36.35 36.22 -48.84
N ASN B 214 -35.44 36.88 -48.15
CA ASN B 214 -34.98 38.21 -48.53
C ASN B 214 -33.44 38.24 -48.67
N LYS B 215 -32.92 39.37 -49.16
CA LYS B 215 -31.48 39.61 -49.38
C LYS B 215 -30.68 39.58 -48.07
N GLU B 216 -31.26 40.11 -47.01
CA GLU B 216 -30.64 40.13 -45.70
C GLU B 216 -30.26 38.72 -45.18
N ASP B 217 -31.24 37.79 -45.18
CA ASP B 217 -31.04 36.42 -44.67
C ASP B 217 -30.19 35.58 -45.62
N ARG B 218 -30.32 35.83 -46.92
CA ARG B 218 -29.48 35.24 -47.95
C ARG B 218 -28.00 35.56 -47.73
N ASP B 219 -27.68 36.85 -47.62
CA ASP B 219 -26.33 37.31 -47.36
C ASP B 219 -25.80 36.80 -46.04
N LEU B 220 -26.67 36.75 -45.02
CA LEU B 220 -26.25 36.22 -43.73
C LEU B 220 -25.83 34.75 -43.87
N LEU B 221 -26.58 33.96 -44.64
CA LEU B 221 -26.16 32.58 -44.87
C LEU B 221 -24.75 32.49 -45.52
N LEU B 222 -24.56 33.18 -46.62
CA LEU B 222 -23.29 33.26 -47.30
C LEU B 222 -22.17 33.76 -46.41
N ALA B 223 -22.44 34.76 -45.59
CA ALA B 223 -21.43 35.26 -44.66
C ALA B 223 -20.99 34.18 -43.66
N LYS B 224 -21.95 33.36 -43.22
CA LYS B 224 -21.70 32.26 -42.26
C LYS B 224 -20.84 31.18 -42.92
N PHE B 225 -21.19 30.83 -44.16
CA PHE B 225 -20.47 29.87 -44.98
C PHE B 225 -19.05 30.34 -45.21
N GLU B 226 -18.89 31.63 -45.54
CA GLU B 226 -17.59 32.29 -45.62
C GLU B 226 -16.75 32.17 -44.34
N LYS B 227 -17.34 32.46 -43.17
CA LYS B 227 -16.68 32.24 -41.88
C LYS B 227 -16.23 30.79 -41.72
N MET B 228 -17.14 29.83 -42.02
CA MET B 228 -16.80 28.40 -41.93
C MET B 228 -15.65 28.03 -42.89
N TYR B 229 -15.70 28.55 -44.10
CA TYR B 229 -14.58 28.42 -45.04
C TYR B 229 -13.23 28.89 -44.43
N GLN B 230 -13.24 30.07 -43.80
CA GLN B 230 -12.06 30.60 -43.11
C GLN B 230 -11.48 29.65 -42.03
N LEU B 231 -12.37 28.84 -41.44
CA LEU B 231 -11.99 27.79 -40.46
C LEU B 231 -11.53 26.50 -41.11
N GLY B 232 -11.58 26.42 -42.43
CA GLY B 232 -11.06 25.24 -43.12
C GLY B 232 -12.11 24.35 -43.77
N VAL B 233 -13.39 24.68 -43.60
CA VAL B 233 -14.47 23.83 -44.13
C VAL B 233 -14.53 23.96 -45.63
N ARG B 234 -14.51 22.81 -46.32
CA ARG B 234 -14.55 22.76 -47.80
C ARG B 234 -15.78 22.09 -48.43
N SER B 235 -16.71 21.64 -47.59
CA SER B 235 -17.96 21.02 -48.03
C SER B 235 -19.08 21.59 -47.18
N PHE B 236 -20.26 21.74 -47.78
CA PHE B 236 -21.31 22.47 -47.14
C PHE B 236 -22.67 21.79 -47.35
N ALA B 237 -23.61 22.02 -46.45
CA ALA B 237 -24.98 21.52 -46.64
C ALA B 237 -26.00 22.50 -46.11
N VAL B 238 -27.21 22.40 -46.64
CA VAL B 238 -28.31 23.20 -46.15
C VAL B 238 -29.52 22.26 -45.92
N PHE B 239 -29.98 22.20 -44.67
CA PHE B 239 -31.00 21.24 -44.27
C PHE B 239 -32.31 21.95 -44.07
N PHE B 240 -33.35 21.44 -44.73
CA PHE B 240 -34.71 21.97 -44.59
C PHE B 240 -35.69 20.94 -43.96
N ASP B 241 -35.16 20.06 -43.09
CA ASP B 241 -35.93 18.98 -42.47
C ASP B 241 -36.59 19.41 -41.16
N ASP B 242 -37.78 18.85 -40.89
CA ASP B 242 -38.52 19.09 -39.63
C ASP B 242 -38.67 20.57 -39.31
N ILE B 243 -39.18 21.31 -40.29
CA ILE B 243 -39.50 22.72 -40.11
C ILE B 243 -40.93 22.99 -40.54
N SER B 244 -41.51 24.07 -40.02
CA SER B 244 -42.77 24.58 -40.58
C SER B 244 -42.68 26.07 -40.90
N GLY B 245 -43.62 26.53 -41.72
CA GLY B 245 -43.71 27.92 -42.14
C GLY B 245 -43.18 28.07 -43.55
N GLU B 246 -42.88 29.32 -43.92
CA GLU B 246 -42.40 29.66 -45.27
C GLU B 246 -41.08 29.03 -45.73
N GLY B 247 -40.24 28.56 -44.80
CA GLY B 247 -38.99 27.86 -45.19
C GLY B 247 -39.18 26.53 -45.92
N THR B 248 -40.44 26.06 -45.96
CA THR B 248 -40.82 24.80 -46.65
C THR B 248 -40.95 24.96 -48.17
N ASN B 249 -40.95 26.22 -48.62
CA ASN B 249 -41.11 26.57 -50.04
C ASN B 249 -40.01 25.97 -50.91
N PRO B 250 -40.35 24.98 -51.79
CA PRO B 250 -39.33 24.30 -52.58
C PRO B 250 -38.66 25.19 -53.61
N GLN B 251 -39.41 26.14 -54.16
CA GLN B 251 -38.89 27.01 -55.20
C GLN B 251 -37.81 27.93 -54.60
N LYS B 252 -38.14 28.55 -53.48
CA LYS B 252 -37.18 29.38 -52.73
C LYS B 252 -35.96 28.62 -52.22
N GLN B 253 -36.14 27.33 -51.90
CA GLN B 253 -35.04 26.46 -51.49
C GLN B 253 -34.09 26.18 -52.64
N ALA B 254 -34.62 25.77 -53.78
CA ALA B 254 -33.77 25.49 -54.91
C ALA B 254 -33.02 26.78 -55.35
N GLU B 255 -33.71 27.92 -55.36
CA GLU B 255 -33.05 29.19 -55.72
C GLU B 255 -31.93 29.54 -54.78
N LEU B 256 -32.17 29.41 -53.47
CA LEU B 256 -31.12 29.69 -52.49
C LEU B 256 -29.90 28.77 -52.69
N LEU B 257 -30.15 27.47 -52.91
CA LEU B 257 -29.06 26.50 -53.09
C LEU B 257 -28.24 26.74 -54.36
N ASN B 258 -28.95 27.09 -55.42
CA ASN B 258 -28.36 27.51 -56.70
C ASN B 258 -27.54 28.79 -56.56
N TYR B 259 -28.05 29.75 -55.80
CA TYR B 259 -27.28 30.94 -55.44
C TYR B 259 -25.95 30.61 -54.71
N ILE B 260 -26.01 29.79 -53.66
CA ILE B 260 -24.80 29.33 -52.94
C ILE B 260 -23.81 28.67 -53.89
N ASP B 261 -24.33 27.83 -54.79
CA ASP B 261 -23.55 27.15 -55.80
C ASP B 261 -22.84 28.16 -56.71
N GLU B 262 -23.63 29.08 -57.24
CA GLU B 262 -23.13 30.05 -58.23
C GLU B 262 -22.18 31.11 -57.63
N LYS B 263 -22.52 31.62 -56.46
CA LYS B 263 -21.81 32.72 -55.83
C LYS B 263 -20.76 32.29 -54.83
N PHE B 264 -20.56 30.98 -54.67
CA PHE B 264 -19.70 30.44 -53.58
C PHE B 264 -19.06 29.10 -53.94
N ALA B 265 -19.85 28.06 -54.19
CA ALA B 265 -19.27 26.75 -54.52
C ALA B 265 -18.47 26.76 -55.84
N GLN B 266 -18.95 27.52 -56.82
CA GLN B 266 -18.26 27.60 -58.11
C GLN B 266 -17.22 28.73 -58.16
N VAL B 267 -17.07 29.47 -57.05
CA VAL B 267 -16.18 30.62 -56.97
C VAL B 267 -14.92 30.33 -56.12
N LYS B 268 -15.03 29.44 -55.15
CA LYS B 268 -13.86 28.99 -54.38
C LYS B 268 -13.10 27.97 -55.22
N PRO B 269 -11.78 27.85 -55.01
CA PRO B 269 -11.02 26.85 -55.78
C PRO B 269 -11.28 25.37 -55.44
N ASP B 270 -11.86 25.10 -54.26
CA ASP B 270 -11.67 23.80 -53.61
C ASP B 270 -12.85 23.28 -52.77
N ILE B 271 -14.06 23.68 -53.13
CA ILE B 271 -15.26 23.17 -52.46
C ILE B 271 -15.64 21.79 -53.03
N ASN B 272 -15.81 20.80 -52.16
CA ASN B 272 -16.07 19.44 -52.59
C ASN B 272 -17.57 19.15 -52.67
N GLN B 273 -18.22 18.81 -51.54
CA GLN B 273 -19.64 18.45 -51.56
C GLN B 273 -20.53 19.66 -51.30
N LEU B 274 -21.65 19.73 -52.01
CA LEU B 274 -22.70 20.65 -51.64
C LEU B 274 -23.99 19.84 -51.62
N VAL B 275 -24.68 19.88 -50.49
CA VAL B 275 -25.71 18.91 -50.20
C VAL B 275 -26.95 19.61 -49.66
N MET B 276 -28.14 19.14 -50.04
CA MET B 276 -29.33 19.67 -49.40
C MET B 276 -30.21 18.59 -48.81
N CYS B 277 -30.93 18.92 -47.74
CA CYS B 277 -31.89 18.01 -47.13
C CYS B 277 -33.27 18.57 -47.38
N PRO B 278 -34.09 17.82 -48.15
CA PRO B 278 -35.47 18.26 -48.47
C PRO B 278 -36.38 18.28 -47.24
N THR B 279 -37.40 19.11 -47.27
CA THR B 279 -38.50 19.12 -46.30
C THR B 279 -39.40 17.87 -46.39
N GLU B 280 -39.70 17.42 -47.61
CA GLU B 280 -40.18 16.05 -47.86
C GLU B 280 -38.99 15.13 -48.10
N TYR B 281 -38.69 14.26 -47.14
CA TYR B 281 -37.44 13.49 -47.14
C TYR B 281 -37.65 11.95 -47.03
N ASN B 282 -38.91 11.56 -46.88
CA ASN B 282 -39.30 10.15 -47.04
C ASN B 282 -40.53 10.08 -47.93
N LYS B 283 -40.68 8.97 -48.63
CA LYS B 283 -41.84 8.81 -49.53
C LYS B 283 -43.19 9.04 -48.85
N SER B 284 -43.38 8.52 -47.64
CA SER B 284 -44.70 8.55 -47.00
C SER B 284 -45.12 9.91 -46.44
N TRP B 285 -44.19 10.87 -46.39
CA TRP B 285 -44.52 12.23 -45.94
C TRP B 285 -44.50 13.20 -47.13
N SER B 286 -44.46 12.63 -48.34
CA SER B 286 -44.42 13.37 -49.60
C SER B 286 -45.83 13.61 -50.14
N PRO B 288 -48.21 13.52 -53.03
CA PRO B 288 -48.21 12.74 -54.27
C PRO B 288 -48.81 13.55 -55.44
N ASN B 289 -49.66 14.53 -55.10
CA ASN B 289 -50.36 15.26 -56.14
C ASN B 289 -49.78 16.61 -56.53
N GLY B 290 -48.51 16.78 -56.17
CA GLY B 290 -47.71 17.85 -56.74
C GLY B 290 -46.98 18.28 -55.55
N ASN B 291 -45.92 19.08 -55.63
CA ASN B 291 -44.99 19.15 -56.75
C ASN B 291 -43.61 19.39 -56.10
N TYR B 292 -43.59 19.26 -54.77
CA TYR B 292 -42.40 19.58 -53.95
C TYR B 292 -41.10 18.96 -54.47
N LEU B 293 -41.11 17.64 -54.71
CA LEU B 293 -39.89 16.94 -55.10
C LEU B 293 -39.48 17.06 -56.56
N THR B 294 -40.46 17.24 -57.44
CA THR B 294 -40.16 17.49 -58.86
C THR B 294 -39.61 18.92 -59.02
N THR B 295 -40.21 19.87 -58.32
CA THR B 295 -39.65 21.23 -58.27
C THR B 295 -38.14 21.15 -58.01
N LEU B 296 -37.77 20.48 -56.91
CA LEU B 296 -36.37 20.30 -56.53
C LEU B 296 -35.55 19.58 -57.60
N GLY B 297 -36.08 18.48 -58.12
CA GLY B 297 -35.33 17.67 -59.08
C GLY B 297 -35.01 18.42 -60.34
N ASP B 298 -35.97 19.23 -60.79
CA ASP B 298 -35.84 20.04 -62.01
C ASP B 298 -35.01 21.30 -61.78
N LYS B 299 -35.34 22.05 -60.72
CA LYS B 299 -34.69 23.35 -60.45
C LYS B 299 -33.24 23.31 -59.92
N LEU B 300 -32.92 22.38 -59.03
CA LEU B 300 -31.55 22.26 -58.46
C LEU B 300 -30.46 21.95 -59.47
N ASN B 301 -29.41 22.76 -59.47
CA ASN B 301 -28.23 22.48 -60.26
C ASN B 301 -27.75 21.04 -60.04
N PRO B 302 -27.39 20.35 -61.13
CA PRO B 302 -27.19 18.89 -61.07
C PRO B 302 -26.00 18.42 -60.20
N SER B 303 -25.09 19.31 -59.83
CA SER B 303 -24.01 18.87 -58.93
C SER B 303 -24.44 18.87 -57.43
N ILE B 304 -25.63 19.39 -57.14
CA ILE B 304 -26.11 19.47 -55.76
C ILE B 304 -26.74 18.12 -55.35
N GLN B 305 -26.36 17.63 -54.17
CA GLN B 305 -26.93 16.38 -53.66
C GLN B 305 -28.28 16.61 -52.96
N ILE B 306 -29.17 15.64 -53.08
CA ILE B 306 -30.44 15.67 -52.34
C ILE B 306 -30.53 14.42 -51.46
N MET B 307 -30.71 14.66 -50.16
CA MET B 307 -30.78 13.61 -49.18
C MET B 307 -32.17 13.01 -49.09
N TRP B 308 -32.21 11.74 -48.69
CA TRP B 308 -33.43 10.94 -48.67
C TRP B 308 -33.30 9.77 -47.64
N THR B 309 -34.38 9.51 -46.87
CA THR B 309 -34.38 8.40 -45.88
C THR B 309 -35.13 7.13 -46.33
N GLY B 310 -35.78 7.17 -47.47
CA GLY B 310 -36.52 5.98 -47.93
C GLY B 310 -38.03 6.17 -47.86
N ASP B 311 -38.75 5.07 -47.65
CA ASP B 311 -40.19 5.09 -47.81
C ASP B 311 -40.86 5.64 -46.61
N ARG B 312 -40.15 5.61 -45.49
CA ARG B 312 -40.65 6.15 -44.23
C ARG B 312 -39.52 6.88 -43.55
N VAL B 313 -39.86 7.66 -42.53
CA VAL B 313 -38.84 8.44 -41.78
C VAL B 313 -37.67 7.54 -41.37
N ILE B 314 -38.01 6.42 -40.74
CA ILE B 314 -37.05 5.39 -40.41
C ILE B 314 -37.37 4.18 -41.26
N SER B 315 -36.48 3.85 -42.19
CA SER B 315 -36.67 2.67 -43.03
C SER B 315 -35.36 2.26 -43.67
N ASP B 316 -35.36 1.06 -44.24
CA ASP B 316 -34.16 0.54 -44.88
C ASP B 316 -34.37 0.73 -46.36
N ILE B 317 -33.30 0.73 -47.12
CA ILE B 317 -33.46 1.21 -48.49
C ILE B 317 -33.63 0.03 -49.44
N THR B 318 -34.69 0.12 -50.24
CA THR B 318 -35.11 -0.94 -51.20
C THR B 318 -34.85 -0.44 -52.59
N ARG B 319 -34.73 -1.38 -53.55
CA ARG B 319 -34.58 -1.06 -54.98
C ARG B 319 -35.76 -0.23 -55.45
N ASP B 320 -36.96 -0.61 -55.06
CA ASP B 320 -38.15 0.13 -55.50
C ASP B 320 -38.25 1.51 -54.87
N GLY B 321 -37.80 1.62 -53.61
CA GLY B 321 -37.82 2.90 -52.93
C GLY B 321 -36.84 3.88 -53.54
N ILE B 322 -35.64 3.42 -53.87
CA ILE B 322 -34.67 4.30 -54.50
C ILE B 322 -35.11 4.75 -55.93
N SER B 323 -35.67 3.84 -56.73
CA SER B 323 -36.12 4.21 -58.09
C SER B 323 -37.23 5.22 -58.03
N TRP B 324 -38.10 5.09 -57.02
CA TRP B 324 -39.16 6.06 -56.83
C TRP B 324 -38.62 7.50 -56.62
N ILE B 325 -37.67 7.66 -55.70
CA ILE B 325 -37.11 8.98 -55.44
C ILE B 325 -36.25 9.47 -56.60
N ASN B 326 -35.40 8.60 -57.14
CA ASN B 326 -34.45 8.93 -58.24
C ASN B 326 -35.14 9.45 -59.52
N GLU B 327 -36.35 8.94 -59.78
CA GLU B 327 -37.23 9.40 -60.85
C GLU B 327 -37.58 10.88 -60.69
N ARG B 328 -37.85 11.29 -59.45
CA ARG B 328 -38.37 12.61 -59.11
C ARG B 328 -37.29 13.71 -59.00
N ILE B 329 -36.12 13.34 -58.48
CA ILE B 329 -35.08 14.30 -58.17
C ILE B 329 -34.04 14.32 -59.27
N LYS B 330 -34.17 13.40 -60.22
CA LYS B 330 -33.39 13.42 -61.46
C LYS B 330 -31.89 13.27 -61.23
N ARG B 331 -31.55 12.46 -60.23
CA ARG B 331 -30.17 12.22 -59.79
C ARG B 331 -30.25 11.10 -58.75
N PRO B 332 -29.14 10.38 -58.53
CA PRO B 332 -29.15 9.33 -57.52
C PRO B 332 -29.22 9.95 -56.10
N ALA B 333 -30.15 9.47 -55.29
CA ALA B 333 -30.40 9.99 -53.95
C ALA B 333 -29.20 9.81 -53.03
N TYR B 334 -29.04 10.74 -52.11
CA TYR B 334 -27.91 10.72 -51.18
C TYR B 334 -28.56 10.26 -49.88
N ILE B 335 -28.30 9.00 -49.52
CA ILE B 335 -29.14 8.38 -48.50
C ILE B 335 -28.69 8.76 -47.10
N TRP B 336 -29.66 9.21 -46.31
CA TRP B 336 -29.58 9.48 -44.86
C TRP B 336 -30.33 8.30 -44.18
N TRP B 337 -29.61 7.32 -43.68
CA TRP B 337 -30.24 6.16 -43.01
C TRP B 337 -30.41 6.34 -41.48
N ASN B 338 -31.67 6.36 -41.01
CA ASN B 338 -31.89 6.59 -39.60
C ASN B 338 -31.72 5.36 -38.69
N PHE B 339 -30.49 4.85 -38.64
CA PHE B 339 -30.09 3.84 -37.66
C PHE B 339 -28.57 4.00 -37.57
N PRO B 340 -27.96 3.97 -36.34
CA PRO B 340 -28.49 3.70 -34.98
C PRO B 340 -29.44 4.62 -34.19
N VAL B 341 -30.01 5.69 -34.75
CA VAL B 341 -30.13 6.96 -34.14
C VAL B 341 -31.34 6.59 -33.21
N SER B 342 -31.35 7.13 -31.99
CA SER B 342 -32.31 6.66 -31.00
C SER B 342 -33.03 7.83 -30.39
N ASP B 343 -33.06 8.97 -31.07
CA ASP B 343 -33.52 10.22 -30.44
C ASP B 343 -35.01 10.26 -30.21
N TYR B 344 -35.71 9.26 -30.74
CA TYR B 344 -37.12 9.08 -30.49
C TYR B 344 -37.37 7.79 -29.66
N VAL B 345 -36.31 7.07 -29.29
CA VAL B 345 -36.42 5.96 -28.34
C VAL B 345 -35.24 6.03 -27.37
N ARG B 346 -35.16 7.18 -26.69
CA ARG B 346 -33.97 7.59 -25.94
C ARG B 346 -33.62 6.73 -24.70
N ASP B 347 -34.53 5.86 -24.29
CA ASP B 347 -34.30 4.97 -23.20
C ASP B 347 -33.77 3.63 -23.64
N HIS B 348 -33.53 3.50 -24.94
CA HIS B 348 -32.92 2.29 -25.51
C HIS B 348 -31.58 2.58 -26.13
N LEU B 349 -30.70 1.56 -26.09
CA LEU B 349 -29.48 1.55 -26.88
C LEU B 349 -29.72 0.65 -28.07
N LEU B 350 -29.25 1.08 -29.23
CA LEU B 350 -29.44 0.30 -30.45
C LEU B 350 -28.11 -0.24 -30.98
N LEU B 351 -27.70 -1.41 -30.47
CA LEU B 351 -26.33 -1.92 -30.61
C LEU B 351 -26.23 -3.21 -31.43
N GLY B 352 -27.33 -3.57 -32.10
CA GLY B 352 -27.36 -4.77 -32.93
C GLY B 352 -26.79 -4.54 -34.35
N PRO B 353 -26.71 -5.62 -35.16
CA PRO B 353 -26.16 -5.55 -36.50
C PRO B 353 -26.85 -4.56 -37.41
N VAL B 354 -26.13 -4.05 -38.39
CA VAL B 354 -26.73 -3.26 -39.48
C VAL B 354 -27.24 -4.22 -40.58
N TYR B 355 -28.52 -4.12 -40.93
CA TYR B 355 -29.09 -4.96 -42.00
C TYR B 355 -30.35 -4.32 -42.57
N GLY B 356 -30.91 -4.93 -43.62
CA GLY B 356 -32.17 -4.49 -44.17
C GLY B 356 -32.04 -3.71 -45.47
N ASN B 357 -30.85 -3.15 -45.72
CA ASN B 357 -30.56 -2.36 -46.94
C ASN B 357 -30.17 -3.25 -48.10
N ASP B 358 -30.83 -3.03 -49.24
CA ASP B 358 -30.55 -3.78 -50.46
C ASP B 358 -29.06 -3.65 -50.83
N THR B 359 -28.41 -4.78 -51.10
CA THR B 359 -26.95 -4.78 -51.37
C THR B 359 -26.59 -4.74 -52.89
N THR B 360 -27.59 -4.48 -53.73
CA THR B 360 -27.45 -4.57 -55.19
C THR B 360 -27.58 -3.20 -55.89
N ILE B 361 -27.81 -2.14 -55.10
CA ILE B 361 -28.22 -0.80 -55.56
C ILE B 361 -27.15 0.30 -55.39
N ALA B 362 -25.87 -0.09 -55.30
CA ALA B 362 -24.76 0.86 -55.21
C ALA B 362 -24.96 2.19 -55.93
N LYS B 363 -25.68 2.27 -57.03
CA LYS B 363 -25.23 2.49 -58.36
C LYS B 363 -26.34 3.56 -58.48
N GLU B 364 -27.38 3.33 -57.68
CA GLU B 364 -28.54 4.20 -57.58
C GLU B 364 -28.43 5.20 -56.45
N MET B 365 -27.34 5.19 -55.69
CA MET B 365 -27.18 6.17 -54.62
C MET B 365 -25.87 6.92 -54.72
N SER B 366 -25.93 8.25 -54.53
CA SER B 366 -24.73 9.12 -54.53
C SER B 366 -23.94 9.00 -53.24
N GLY B 367 -24.68 8.85 -52.15
CA GLY B 367 -24.08 8.73 -50.81
C GLY B 367 -24.92 7.86 -49.92
N PHE B 368 -24.29 7.34 -48.87
CA PHE B 368 -24.98 6.63 -47.81
C PHE B 368 -24.32 7.04 -46.48
N VAL B 369 -25.11 7.74 -45.66
CA VAL B 369 -24.68 8.17 -44.35
C VAL B 369 -25.64 7.63 -43.34
N THR B 370 -25.07 7.26 -42.19
CA THR B 370 -25.80 6.86 -41.01
C THR B 370 -25.95 8.03 -40.01
N ASN B 371 -27.21 8.30 -39.65
CA ASN B 371 -27.61 9.07 -38.46
C ASN B 371 -27.57 8.20 -37.18
N PRO B 372 -26.57 8.44 -36.32
CA PRO B 372 -26.31 7.67 -35.11
C PRO B 372 -26.99 8.09 -33.80
N MET B 373 -26.63 7.41 -32.72
CA MET B 373 -27.12 7.75 -31.40
C MET B 373 -26.35 8.96 -30.89
N GLU B 374 -26.93 9.66 -29.95
CA GLU B 374 -26.18 10.68 -29.19
C GLU B 374 -25.02 10.06 -28.39
N HIS B 375 -25.03 8.73 -28.23
CA HIS B 375 -23.93 7.97 -27.66
C HIS B 375 -22.92 7.61 -28.75
N ALA B 376 -21.84 8.37 -28.77
CA ALA B 376 -20.87 8.34 -29.87
C ALA B 376 -20.12 7.02 -30.05
N GLU B 377 -19.37 6.63 -29.01
CA GLU B 377 -18.66 5.36 -29.00
C GLU B 377 -19.54 4.14 -29.23
N SER B 378 -20.77 4.16 -28.68
CA SER B 378 -21.69 3.03 -28.79
C SER B 378 -22.18 2.85 -30.23
N SER B 379 -22.20 3.97 -30.97
CA SER B 379 -22.60 4.05 -32.38
C SER B 379 -21.58 3.44 -33.33
N LYS B 380 -20.35 3.25 -32.87
CA LYS B 380 -19.27 2.71 -33.71
C LYS B 380 -19.57 1.30 -34.21
N ILE B 381 -20.38 0.53 -33.49
CA ILE B 381 -20.76 -0.79 -33.97
C ILE B 381 -21.46 -0.69 -35.35
N ALA B 382 -22.50 0.16 -35.42
CA ALA B 382 -23.27 0.40 -36.63
C ALA B 382 -22.52 1.17 -37.69
N ILE B 383 -21.73 2.16 -37.26
CA ILE B 383 -20.93 2.99 -38.16
C ILE B 383 -19.86 2.15 -38.89
N TYR B 384 -19.22 1.26 -38.18
CA TYR B 384 -18.23 0.37 -38.78
C TYR B 384 -18.94 -0.51 -39.79
N SER B 385 -20.16 -0.93 -39.45
CA SER B 385 -20.93 -1.83 -40.30
C SER B 385 -21.44 -1.11 -41.54
N VAL B 386 -21.91 0.13 -41.37
CA VAL B 386 -22.29 0.98 -42.50
C VAL B 386 -21.07 1.26 -43.43
N ALA B 387 -19.89 1.43 -42.85
CA ALA B 387 -18.69 1.67 -43.63
C ALA B 387 -18.45 0.50 -44.57
N SER B 388 -18.58 -0.72 -44.03
CA SER B 388 -18.32 -1.93 -44.75
C SER B 388 -19.38 -2.10 -45.80
N TYR B 389 -20.64 -1.87 -45.44
CA TYR B 389 -21.73 -1.97 -46.39
C TYR B 389 -21.58 -1.01 -47.55
N ALA B 390 -21.23 0.24 -47.27
CA ALA B 390 -21.17 1.29 -48.32
C ALA B 390 -19.96 1.16 -49.24
N TRP B 391 -18.87 0.61 -48.71
CA TRP B 391 -17.70 0.33 -49.52
C TRP B 391 -17.89 -0.90 -50.46
N ASN B 392 -18.18 -2.07 -49.90
CA ASN B 392 -18.42 -3.28 -50.71
C ASN B 392 -19.81 -3.89 -50.40
N PRO B 393 -20.89 -3.28 -50.91
CA PRO B 393 -22.21 -3.82 -50.54
C PRO B 393 -22.47 -5.25 -51.02
N ALA B 394 -21.89 -5.63 -52.17
CA ALA B 394 -22.12 -6.96 -52.71
C ALA B 394 -21.53 -8.04 -51.82
N LYS B 395 -20.48 -7.71 -51.07
CA LYS B 395 -19.89 -8.66 -50.12
C LYS B 395 -20.32 -8.42 -48.66
N TYR B 396 -21.31 -7.53 -48.47
CA TYR B 396 -21.74 -7.19 -47.08
C TYR B 396 -22.37 -8.39 -46.33
N ASP B 397 -21.75 -8.70 -45.20
CA ASP B 397 -22.07 -9.81 -44.30
C ASP B 397 -22.49 -9.20 -42.93
N THR B 398 -23.81 -9.16 -42.66
CA THR B 398 -24.40 -8.57 -41.45
C THR B 398 -23.74 -8.96 -40.12
N TRP B 399 -23.77 -10.25 -39.81
CA TRP B 399 -23.28 -10.75 -38.53
C TRP B 399 -21.76 -10.72 -38.37
N GLN B 400 -21.02 -11.06 -39.42
CA GLN B 400 -19.54 -11.03 -39.34
C GLN B 400 -18.98 -9.62 -39.16
N THR B 401 -19.54 -8.66 -39.87
CA THR B 401 -19.18 -7.25 -39.73
C THR B 401 -19.47 -6.71 -38.30
N TRP B 402 -20.64 -7.05 -37.76
CA TRP B 402 -21.00 -6.75 -36.38
C TRP B 402 -20.01 -7.34 -35.38
N LYS B 403 -19.62 -8.59 -35.54
CA LYS B 403 -18.61 -9.21 -34.68
C LYS B 403 -17.24 -8.53 -34.81
N ASP B 404 -16.86 -8.22 -36.05
CA ASP B 404 -15.62 -7.55 -36.35
C ASP B 404 -15.57 -6.17 -35.70
N ALA B 405 -16.67 -5.43 -35.84
CA ALA B 405 -16.82 -4.11 -35.18
C ALA B 405 -16.55 -4.18 -33.69
N ILE B 406 -17.29 -5.05 -33.02
CA ILE B 406 -17.14 -5.32 -31.58
C ILE B 406 -15.71 -5.66 -31.17
N ARG B 407 -15.07 -6.56 -31.90
CA ARG B 407 -13.71 -6.98 -31.59
C ARG B 407 -12.65 -5.89 -31.86
N THR B 408 -13.00 -4.96 -32.74
CA THR B 408 -12.20 -3.80 -33.09
C THR B 408 -12.34 -2.72 -32.04
N ILE B 409 -13.54 -2.59 -31.50
CA ILE B 409 -13.84 -1.54 -30.53
C ILE B 409 -13.42 -1.96 -29.12
N LEU B 410 -13.60 -3.23 -28.79
CA LEU B 410 -13.25 -3.68 -27.46
C LEU B 410 -12.59 -5.05 -27.51
N PRO B 411 -11.37 -5.13 -28.05
CA PRO B 411 -10.67 -6.42 -28.18
C PRO B 411 -10.58 -7.20 -26.86
N SER B 412 -10.40 -6.47 -25.76
CA SER B 412 -10.18 -7.04 -24.42
C SER B 412 -11.44 -7.62 -23.77
N ALA B 413 -12.63 -7.26 -24.29
CA ALA B 413 -13.89 -7.71 -23.73
C ALA B 413 -14.97 -7.87 -24.82
N ALA B 414 -14.53 -8.35 -25.97
CA ALA B 414 -15.36 -8.47 -27.17
C ALA B 414 -16.55 -9.41 -26.98
N GLU B 415 -16.33 -10.53 -26.31
CA GLU B 415 -17.40 -11.47 -26.07
C GLU B 415 -18.46 -10.90 -25.12
N GLU B 416 -17.97 -10.15 -24.14
CA GLU B 416 -18.83 -9.46 -23.18
C GLU B 416 -19.69 -8.41 -23.90
N LEU B 417 -19.07 -7.64 -24.79
CA LEU B 417 -19.81 -6.61 -25.52
C LEU B 417 -20.82 -7.22 -26.45
N GLU B 418 -20.46 -8.35 -27.06
CA GLU B 418 -21.38 -9.12 -27.91
C GLU B 418 -22.63 -9.54 -27.18
N CYS B 419 -22.41 -10.11 -25.99
CA CYS B 419 -23.50 -10.51 -25.09
C CYS B 419 -24.42 -9.34 -24.80
N PHE B 420 -23.81 -8.25 -24.35
CA PHE B 420 -24.56 -7.04 -24.08
C PHE B 420 -25.28 -6.46 -25.32
N ALA B 421 -24.55 -6.30 -26.43
CA ALA B 421 -25.16 -5.81 -27.68
C ALA B 421 -26.32 -6.67 -28.24
N MET B 422 -26.17 -7.99 -28.13
CA MET B 422 -27.16 -8.97 -28.63
C MET B 422 -28.53 -8.73 -27.98
N HIS B 423 -28.52 -8.23 -26.76
CA HIS B 423 -29.78 -8.13 -26.03
C HIS B 423 -30.18 -6.68 -25.85
N ASN B 424 -29.57 -5.81 -26.67
CA ASN B 424 -29.81 -4.35 -26.64
C ASN B 424 -29.88 -3.82 -28.07
N SER B 425 -30.82 -4.38 -28.85
CA SER B 425 -30.86 -4.25 -30.29
C SER B 425 -32.14 -3.59 -30.77
N ASP B 426 -33.23 -3.84 -30.07
CA ASP B 426 -34.59 -3.49 -30.51
C ASP B 426 -34.97 -2.17 -29.89
N LEU B 427 -35.88 -1.46 -30.55
CA LEU B 427 -36.23 -0.11 -30.14
C LEU B 427 -37.45 -0.07 -29.24
N GLY B 428 -38.16 -1.21 -29.19
CA GLY B 428 -39.45 -1.30 -28.52
C GLY B 428 -40.53 -0.61 -29.33
N PRO B 429 -41.80 -0.72 -28.92
CA PRO B 429 -42.86 0.07 -29.62
C PRO B 429 -42.59 1.56 -29.66
N ASN B 430 -42.86 2.17 -30.82
CA ASN B 430 -42.56 3.60 -31.02
C ASN B 430 -43.39 4.22 -32.13
N GLY B 431 -43.47 5.55 -32.13
CA GLY B 431 -44.26 6.30 -33.11
C GLY B 431 -43.93 6.08 -34.57
N HIS B 432 -42.70 5.64 -34.87
CA HIS B 432 -42.26 5.39 -36.25
C HIS B 432 -42.44 3.96 -36.72
N GLY B 433 -42.86 3.07 -35.83
CA GLY B 433 -43.12 1.68 -36.21
C GLY B 433 -41.90 0.88 -36.58
N TYR B 434 -40.70 1.34 -36.23
CA TYR B 434 -39.44 0.66 -36.66
C TYR B 434 -38.88 -0.21 -35.56
N ARG B 435 -38.62 -1.47 -35.89
CA ARG B 435 -38.22 -2.45 -34.92
C ARG B 435 -36.97 -3.19 -35.42
N ARG B 436 -36.26 -3.86 -34.52
CA ARG B 436 -35.08 -4.62 -34.91
C ARG B 436 -35.14 -5.92 -34.14
N GLU B 437 -34.48 -6.95 -34.65
CA GLU B 437 -34.50 -8.21 -33.93
C GLU B 437 -33.61 -8.09 -32.71
N GLU B 438 -33.85 -8.97 -31.73
CA GLU B 438 -33.12 -8.96 -30.48
C GLU B 438 -33.23 -10.34 -29.87
N SER B 439 -32.13 -10.81 -29.28
CA SER B 439 -32.06 -12.05 -28.50
C SER B 439 -32.53 -13.26 -29.26
N MET B 440 -32.21 -13.35 -30.56
CA MET B 440 -32.82 -14.41 -31.40
C MET B 440 -32.32 -15.80 -31.06
N ASP B 441 -31.04 -15.88 -30.68
CA ASP B 441 -30.43 -17.09 -30.15
C ASP B 441 -31.31 -17.88 -29.15
N ILE B 442 -31.88 -17.19 -28.18
CA ILE B 442 -32.57 -17.82 -27.06
C ILE B 442 -34.08 -17.71 -27.21
N GLN B 443 -34.52 -17.08 -28.29
CA GLN B 443 -35.95 -16.79 -28.50
C GLN B 443 -36.84 -18.06 -28.57
N PRO B 444 -36.39 -19.11 -29.30
CA PRO B 444 -37.11 -20.40 -29.31
C PRO B 444 -37.26 -21.07 -27.93
N ALA B 445 -36.13 -21.25 -27.22
CA ALA B 445 -36.08 -21.68 -25.80
C ALA B 445 -37.01 -20.90 -24.90
N ALA B 446 -36.96 -19.57 -25.00
CA ALA B 446 -37.85 -18.68 -24.26
C ALA B 446 -39.32 -19.00 -24.50
N GLU B 447 -39.69 -19.12 -25.79
CA GLU B 447 -41.08 -19.30 -26.22
C GLU B 447 -41.63 -20.67 -25.86
N ARG B 448 -40.81 -21.69 -26.02
CA ARG B 448 -41.17 -23.06 -25.66
C ARG B 448 -41.48 -23.16 -24.18
N PHE B 449 -40.52 -22.71 -23.37
CA PHE B 449 -40.59 -22.67 -21.91
C PHE B 449 -41.85 -21.97 -21.40
N LEU B 450 -42.22 -20.90 -22.08
CA LEU B 450 -43.34 -20.05 -21.65
C LEU B 450 -44.74 -20.60 -21.99
N LYS B 451 -44.88 -21.26 -23.12
CA LYS B 451 -46.15 -21.91 -23.49
C LYS B 451 -46.38 -23.12 -22.58
N ALA B 452 -45.33 -23.92 -22.42
CA ALA B 452 -45.30 -25.08 -21.51
C ALA B 452 -45.63 -24.76 -20.05
N PHE B 453 -45.94 -23.50 -19.77
CA PHE B 453 -46.33 -23.03 -18.44
C PHE B 453 -47.75 -22.50 -18.46
N GLY B 456 -49.60 -25.57 -18.27
CA GLY B 456 -49.20 -26.39 -17.13
C GLY B 456 -48.54 -27.70 -17.56
N LYS B 457 -48.06 -27.73 -18.80
CA LYS B 457 -47.67 -28.97 -19.47
C LYS B 457 -46.23 -29.47 -19.28
N ASN B 458 -45.53 -29.04 -18.23
CA ASN B 458 -44.09 -29.41 -18.05
C ASN B 458 -43.13 -28.76 -19.06
N TYR B 459 -41.95 -28.36 -18.59
CA TYR B 459 -40.94 -27.71 -19.45
C TYR B 459 -39.76 -28.66 -19.79
N ASP B 460 -39.00 -28.30 -20.82
CA ASP B 460 -37.77 -29.02 -21.19
C ASP B 460 -36.58 -28.50 -20.38
N LYS B 461 -35.79 -29.44 -19.84
CA LYS B 461 -34.67 -29.06 -18.99
C LYS B 461 -33.49 -28.44 -19.78
N ALA B 462 -33.43 -28.74 -21.07
CA ALA B 462 -32.48 -28.09 -21.98
C ALA B 462 -32.72 -26.60 -22.01
N ASP B 463 -33.98 -26.22 -22.18
CA ASP B 463 -34.40 -24.83 -22.22
C ASP B 463 -34.10 -24.10 -20.93
N PHE B 464 -34.47 -24.72 -19.80
CA PHE B 464 -34.29 -24.13 -18.48
C PHE B 464 -32.85 -23.67 -18.27
N GLU B 465 -31.88 -24.50 -18.67
CA GLU B 465 -30.46 -24.17 -18.46
C GLU B 465 -29.82 -23.33 -19.58
N THR B 466 -30.58 -23.10 -20.65
CA THR B 466 -30.22 -22.12 -21.68
C THR B 466 -30.56 -20.74 -21.12
N LEU B 467 -31.77 -20.62 -20.59
CA LEU B 467 -32.18 -19.43 -19.88
C LEU B 467 -31.26 -19.12 -18.72
N GLN B 468 -30.94 -20.12 -17.93
CA GLN B 468 -30.00 -19.97 -16.83
C GLN B 468 -28.54 -19.71 -17.27
N TYR B 469 -28.12 -20.32 -18.38
CA TYR B 469 -26.80 -20.02 -18.98
C TYR B 469 -26.76 -18.55 -19.43
N THR B 470 -27.89 -18.07 -19.94
CA THR B 470 -28.00 -16.71 -20.46
C THR B 470 -27.86 -15.67 -19.36
N PHE B 471 -28.63 -15.85 -18.29
CA PHE B 471 -28.58 -14.97 -17.14
C PHE B 471 -27.18 -14.94 -16.52
N GLU B 472 -26.53 -16.09 -16.43
CA GLU B 472 -25.17 -16.13 -15.92
C GLU B 472 -24.21 -15.32 -16.80
N ARG B 473 -24.36 -15.46 -18.10
CA ARG B 473 -23.43 -14.81 -19.04
C ARG B 473 -23.66 -13.28 -19.08
N MET B 474 -24.92 -12.86 -18.99
CA MET B 474 -25.28 -11.47 -18.81
C MET B 474 -24.62 -10.76 -17.60
N LYS B 475 -24.51 -11.43 -16.45
CA LYS B 475 -23.86 -10.84 -15.26
C LYS B 475 -22.36 -10.78 -15.44
N GLU B 476 -21.76 -11.83 -16.00
CA GLU B 476 -20.32 -11.80 -16.23
C GLU B 476 -19.98 -10.60 -17.14
N SER B 477 -20.74 -10.43 -18.21
CA SER B 477 -20.56 -9.36 -19.18
C SER B 477 -20.79 -8.01 -18.59
N ALA B 478 -21.89 -7.86 -17.86
CA ALA B 478 -22.19 -6.59 -17.23
C ALA B 478 -21.02 -6.17 -16.30
N ASP B 479 -20.54 -7.08 -15.47
CA ASP B 479 -19.49 -6.74 -14.49
C ASP B 479 -18.14 -6.47 -15.09
N ILE B 480 -17.79 -7.21 -16.12
CA ILE B 480 -16.53 -7.03 -16.82
C ILE B 480 -16.53 -5.76 -17.64
N LEU B 481 -17.63 -5.48 -18.33
CA LEU B 481 -17.77 -4.21 -19.04
C LEU B 481 -17.65 -2.98 -18.13
N LEU B 482 -18.35 -2.97 -16.99
CA LEU B 482 -18.26 -1.84 -16.05
C LEU B 482 -16.84 -1.38 -15.70
N MET B 483 -15.94 -2.35 -15.61
CA MET B 483 -14.58 -2.16 -15.10
C MET B 483 -13.54 -2.10 -16.24
N ASN B 484 -14.01 -2.14 -17.48
CA ASN B 484 -13.11 -2.11 -18.65
C ASN B 484 -12.57 -0.71 -18.83
N THR B 485 -11.26 -0.60 -19.00
CA THR B 485 -10.60 0.69 -19.08
C THR B 485 -10.03 0.93 -20.46
N GLU B 486 -10.26 0.01 -21.38
CA GLU B 486 -9.69 0.14 -22.73
C GLU B 486 -10.48 1.12 -23.61
N ASN B 487 -11.78 1.22 -23.38
CA ASN B 487 -12.57 2.30 -23.93
C ASN B 487 -13.46 2.85 -22.79
N LYS B 488 -12.88 3.73 -22.00
CA LYS B 488 -13.61 4.34 -20.90
C LYS B 488 -14.81 5.16 -21.39
N PRO B 489 -14.63 5.99 -22.43
CA PRO B 489 -15.81 6.73 -22.82
C PRO B 489 -17.00 5.86 -23.26
N LEU B 490 -16.75 4.78 -23.99
CA LEU B 490 -17.83 3.83 -24.24
C LEU B 490 -18.44 3.30 -22.96
N ILE B 491 -17.63 2.91 -21.98
CA ILE B 491 -18.19 2.38 -20.73
C ILE B 491 -19.08 3.41 -20.03
N VAL B 492 -18.65 4.67 -20.04
CA VAL B 492 -19.44 5.76 -19.48
C VAL B 492 -20.81 5.97 -20.15
N GLU B 493 -20.88 5.80 -21.47
CA GLU B 493 -22.16 5.94 -22.19
C GLU B 493 -23.13 4.85 -21.79
N ILE B 494 -22.63 3.61 -21.68
CA ILE B 494 -23.52 2.46 -21.51
C ILE B 494 -23.83 2.03 -20.06
N THR B 495 -23.09 2.60 -19.11
CA THR B 495 -23.19 2.22 -17.66
C THR B 495 -24.58 1.98 -17.05
N PRO B 496 -25.50 2.94 -17.20
CA PRO B 496 -26.87 2.85 -16.68
C PRO B 496 -27.64 1.64 -17.24
N TRP B 497 -27.56 1.43 -18.56
CA TRP B 497 -28.04 0.18 -19.18
C TRP B 497 -27.26 -1.03 -18.73
N VAL B 498 -25.95 -0.92 -18.51
CA VAL B 498 -25.19 -2.06 -17.97
C VAL B 498 -25.66 -2.51 -16.58
N HIS B 499 -25.95 -1.55 -15.70
CA HIS B 499 -26.53 -1.82 -14.40
C HIS B 499 -27.91 -2.47 -14.53
N GLN B 500 -28.75 -1.91 -15.38
CA GLN B 500 -30.08 -2.41 -15.63
C GLN B 500 -30.07 -3.82 -16.20
N PHE B 501 -29.09 -4.10 -17.06
CA PHE B 501 -28.81 -5.39 -17.66
C PHE B 501 -28.39 -6.44 -16.63
N LYS B 502 -27.53 -6.06 -15.68
CA LYS B 502 -27.20 -6.99 -14.62
C LYS B 502 -28.42 -7.29 -13.77
N LEU B 503 -29.18 -6.26 -13.44
CA LEU B 503 -30.38 -6.42 -12.62
C LEU B 503 -31.41 -7.33 -13.32
N THR B 504 -31.49 -7.24 -14.65
CA THR B 504 -32.41 -8.11 -15.40
C THR B 504 -31.91 -9.55 -15.30
N ALA B 505 -30.61 -9.74 -15.48
CA ALA B 505 -30.00 -11.07 -15.36
C ALA B 505 -30.22 -11.69 -13.97
N GLU B 506 -30.12 -10.88 -12.92
CA GLU B 506 -30.31 -11.34 -11.54
C GLU B 506 -31.75 -11.70 -11.25
N MET B 507 -32.67 -10.82 -11.65
CA MET B 507 -34.07 -11.10 -11.61
C MET B 507 -34.38 -12.40 -12.34
N GLY B 508 -33.76 -12.61 -13.49
CA GLY B 508 -33.93 -13.85 -14.25
C GLY B 508 -33.59 -15.10 -13.45
N GLU B 509 -32.45 -15.04 -12.76
CA GLU B 509 -31.95 -16.14 -11.92
C GLU B 509 -32.84 -16.49 -10.75
N GLU B 510 -33.40 -15.47 -10.10
CA GLU B 510 -34.29 -15.65 -8.95
C GLU B 510 -35.62 -16.19 -9.40
N VAL B 511 -36.15 -15.67 -10.52
CA VAL B 511 -37.41 -16.17 -11.08
C VAL B 511 -37.28 -17.68 -11.39
N LEU B 512 -36.16 -18.09 -11.97
CA LEU B 512 -35.92 -19.50 -12.24
C LEU B 512 -35.81 -20.37 -10.97
N LYS B 513 -35.25 -19.82 -9.91
CA LYS B 513 -35.17 -20.53 -8.63
C LYS B 513 -36.56 -20.66 -7.98
N MET B 514 -37.47 -19.76 -8.34
CA MET B 514 -38.87 -19.80 -7.92
C MET B 514 -39.64 -20.85 -8.70
N VAL B 515 -39.15 -21.18 -9.90
CA VAL B 515 -39.76 -22.20 -10.78
C VAL B 515 -39.52 -23.62 -10.22
N GLU B 516 -38.29 -23.87 -9.78
CA GLU B 516 -38.01 -25.09 -9.02
C GLU B 516 -38.25 -24.88 -7.50
N GLY B 517 -39.21 -24.02 -7.17
CA GLY B 517 -39.59 -23.68 -5.79
C GLY B 517 -39.58 -24.90 -4.89
N ARG B 518 -38.49 -25.06 -4.15
CA ARG B 518 -38.28 -26.31 -3.40
C ARG B 518 -39.19 -26.45 -2.17
N ASN B 519 -39.29 -25.39 -1.36
CA ASN B 519 -40.17 -25.39 -0.19
C ASN B 519 -40.90 -24.05 -0.07
N GLU B 520 -41.92 -23.95 0.78
CA GLU B 520 -42.72 -22.73 0.84
C GLU B 520 -41.90 -21.49 1.17
N SER B 521 -40.92 -21.62 2.05
CA SER B 521 -40.18 -20.47 2.56
C SER B 521 -38.92 -20.07 1.75
N TYR B 522 -38.45 -20.97 0.88
CA TYR B 522 -37.37 -20.65 -0.07
C TYR B 522 -37.99 -19.89 -1.21
N PHE B 523 -39.22 -20.27 -1.52
CA PHE B 523 -39.97 -19.62 -2.55
C PHE B 523 -40.16 -18.17 -2.18
N LEU B 524 -40.44 -17.93 -0.91
CA LEU B 524 -40.77 -16.58 -0.44
C LEU B 524 -39.53 -15.73 -0.33
N ARG B 525 -38.38 -16.35 -0.05
CA ARG B 525 -37.09 -15.66 -0.06
C ARG B 525 -36.82 -15.12 -1.48
N LYS B 526 -37.04 -16.00 -2.47
CA LYS B 526 -36.93 -15.69 -3.92
C LYS B 526 -37.90 -14.59 -4.36
N TYR B 527 -39.18 -14.79 -4.05
CA TYR B 527 -40.21 -13.81 -4.32
C TYR B 527 -39.79 -12.43 -3.83
N ASN B 528 -39.38 -12.34 -2.59
CA ASN B 528 -39.00 -11.05 -1.98
C ASN B 528 -37.74 -10.44 -2.58
N HIS B 529 -36.84 -11.31 -3.03
CA HIS B 529 -35.62 -10.89 -3.70
C HIS B 529 -35.96 -10.32 -5.05
N VAL B 530 -36.90 -10.95 -5.76
CA VAL B 530 -37.37 -10.42 -7.04
C VAL B 530 -38.02 -9.03 -6.90
N LYS B 531 -38.98 -8.90 -5.99
CA LYS B 531 -39.59 -7.58 -5.71
C LYS B 531 -38.54 -6.50 -5.43
N ALA B 532 -37.48 -6.85 -4.69
CA ALA B 532 -36.39 -5.90 -4.38
C ALA B 532 -35.58 -5.52 -5.63
N LEU B 533 -35.30 -6.49 -6.48
CA LEU B 533 -34.64 -6.23 -7.78
C LEU B 533 -35.50 -5.43 -8.75
N GLN B 534 -36.82 -5.69 -8.78
CA GLN B 534 -37.75 -4.85 -9.54
C GLN B 534 -37.67 -3.42 -9.10
N GLN B 535 -37.72 -3.19 -7.78
CA GLN B 535 -37.64 -1.84 -7.21
C GLN B 535 -36.35 -1.13 -7.59
N GLN B 536 -35.26 -1.87 -7.67
CA GLN B 536 -33.97 -1.32 -8.10
C GLN B 536 -33.95 -0.85 -9.55
N MET B 537 -34.58 -1.63 -10.40
CA MET B 537 -34.73 -1.30 -11.80
C MET B 537 -35.63 -0.07 -11.99
N PHE B 538 -36.71 0.00 -11.23
CA PHE B 538 -37.58 1.16 -11.18
C PHE B 538 -36.78 2.38 -10.77
N TYR B 539 -35.94 2.24 -9.75
CA TYR B 539 -35.12 3.38 -9.30
C TYR B 539 -34.22 3.91 -10.41
N ILE B 540 -33.51 3.00 -11.08
CA ILE B 540 -32.65 3.39 -12.22
C ILE B 540 -33.46 4.06 -13.36
N ASP B 541 -34.61 3.45 -13.69
CA ASP B 541 -35.52 4.01 -14.71
C ASP B 541 -36.05 5.41 -14.33
N GLN B 542 -36.06 5.72 -13.04
CA GLN B 542 -36.57 6.99 -12.52
C GLN B 542 -35.51 8.07 -12.37
N THR B 543 -34.24 7.66 -12.26
CA THR B 543 -33.15 8.62 -11.95
C THR B 543 -32.08 8.75 -13.02
N SER B 544 -31.85 7.70 -13.81
CA SER B 544 -30.91 7.78 -14.92
C SER B 544 -31.62 8.22 -16.19
N ASN B 545 -30.88 8.95 -17.04
CA ASN B 545 -31.31 9.41 -18.36
C ASN B 545 -32.70 10.10 -18.31
N GLN B 546 -32.88 11.05 -17.42
CA GLN B 546 -34.18 11.65 -17.32
C GLN B 546 -34.34 12.76 -18.34
N ASN B 547 -34.52 12.38 -19.60
CA ASN B 547 -34.71 13.36 -20.65
C ASN B 547 -36.19 13.71 -20.77
N PRO B 548 -36.52 14.83 -21.43
CA PRO B 548 -37.94 15.23 -21.53
C PRO B 548 -38.79 14.35 -22.43
N TYR B 549 -38.20 13.42 -23.17
CA TYR B 549 -38.91 12.68 -24.21
C TYR B 549 -39.21 11.21 -23.90
N GLN B 550 -38.17 10.39 -23.77
CA GLN B 550 -38.35 9.01 -23.33
C GLN B 550 -37.34 8.81 -22.19
N PRO B 551 -37.72 9.24 -20.95
CA PRO B 551 -36.73 9.22 -19.87
C PRO B 551 -36.46 7.78 -19.43
N GLY B 552 -35.27 7.51 -18.92
CA GLY B 552 -35.02 6.22 -18.30
C GLY B 552 -34.12 5.25 -19.04
N VAL B 553 -34.14 3.99 -18.58
CA VAL B 553 -33.19 2.99 -19.01
C VAL B 553 -33.90 1.63 -19.20
N LYS B 554 -34.08 1.21 -20.46
CA LYS B 554 -34.69 -0.07 -20.82
C LYS B 554 -33.65 -0.98 -21.46
N THR B 555 -33.78 -2.27 -21.21
CA THR B 555 -32.75 -3.22 -21.66
C THR B 555 -33.35 -4.60 -21.82
N ALA B 556 -32.79 -5.40 -22.72
CA ALA B 556 -33.36 -6.75 -23.03
C ALA B 556 -34.92 -6.77 -23.11
N THR B 557 -35.49 -5.79 -23.78
CA THR B 557 -36.92 -5.58 -23.73
C THR B 557 -37.73 -6.51 -24.62
N ARG B 558 -37.15 -7.01 -25.70
CA ARG B 558 -37.95 -7.76 -26.69
C ARG B 558 -38.37 -9.16 -26.26
N VAL B 559 -37.41 -9.91 -25.72
CA VAL B 559 -37.58 -11.33 -25.38
C VAL B 559 -37.35 -11.57 -23.87
N ILE B 560 -36.24 -11.06 -23.34
CA ILE B 560 -35.81 -11.42 -22.00
C ILE B 560 -36.69 -10.85 -20.90
N LYS B 561 -36.95 -9.55 -20.94
CA LYS B 561 -37.78 -8.94 -19.90
C LYS B 561 -39.21 -9.50 -19.90
N PRO B 562 -39.91 -9.53 -21.09
CA PRO B 562 -41.21 -10.20 -21.15
C PRO B 562 -41.21 -11.64 -20.57
N LEU B 563 -40.23 -12.45 -20.94
CA LEU B 563 -40.14 -13.82 -20.44
C LEU B 563 -40.11 -13.87 -18.90
N ILE B 564 -39.16 -13.14 -18.32
CA ILE B 564 -38.98 -13.06 -16.87
C ILE B 564 -40.27 -12.58 -16.20
N ASP B 565 -40.85 -11.52 -16.74
CA ASP B 565 -42.10 -10.95 -16.20
C ASP B 565 -43.29 -11.90 -16.27
N ARG B 566 -43.42 -12.60 -17.39
CA ARG B 566 -44.50 -13.58 -17.54
C ARG B 566 -44.29 -14.79 -16.66
N THR B 567 -43.11 -15.40 -16.73
CA THR B 567 -42.73 -16.51 -15.84
C THR B 567 -43.02 -16.21 -14.36
N PHE B 568 -42.76 -14.98 -13.95
CA PHE B 568 -42.88 -14.57 -12.57
C PHE B 568 -44.36 -14.55 -12.16
N ALA B 569 -45.19 -13.85 -12.93
CA ALA B 569 -46.60 -13.78 -12.63
C ALA B 569 -47.25 -15.17 -12.70
N THR B 570 -46.59 -16.09 -13.39
CA THR B 570 -47.08 -17.46 -13.54
C THR B 570 -46.84 -18.35 -12.29
N VAL B 571 -45.57 -18.53 -11.90
CA VAL B 571 -45.20 -19.27 -10.67
C VAL B 571 -45.85 -18.72 -9.40
N VAL B 572 -46.07 -17.40 -9.35
CA VAL B 572 -46.76 -16.75 -8.24
C VAL B 572 -48.26 -17.11 -8.23
N LYS B 573 -48.87 -17.16 -9.41
CA LYS B 573 -50.28 -17.50 -9.59
C LYS B 573 -50.54 -18.93 -9.13
N PHE B 574 -49.65 -19.84 -9.52
CA PHE B 574 -49.69 -21.25 -9.10
C PHE B 574 -49.60 -21.38 -7.59
N PHE B 575 -48.76 -20.53 -6.99
CA PHE B 575 -48.52 -20.48 -5.54
C PHE B 575 -49.74 -19.92 -4.80
N ASN B 576 -50.40 -18.92 -5.38
CA ASN B 576 -51.66 -18.37 -4.83
C ASN B 576 -52.86 -19.31 -4.99
N GLN B 577 -52.56 -20.57 -5.29
CA GLN B 577 -53.58 -21.60 -5.53
C GLN B 577 -53.15 -22.94 -4.93
N LYS B 578 -51.85 -23.09 -4.73
CA LYS B 578 -51.33 -24.25 -4.03
C LYS B 578 -51.37 -24.01 -2.53
N PHE B 579 -51.10 -22.76 -2.13
CA PHE B 579 -51.07 -22.36 -0.73
C PHE B 579 -52.15 -21.30 -0.45
N ASN B 580 -53.10 -21.14 -1.38
CA ASN B 580 -54.21 -20.20 -1.23
C ASN B 580 -53.74 -18.84 -0.68
N ALA B 581 -52.79 -18.22 -1.37
CA ALA B 581 -52.20 -16.95 -0.90
C ALA B 581 -52.74 -15.69 -1.61
N HIS B 582 -52.24 -14.53 -1.19
CA HIS B 582 -52.61 -13.24 -1.81
C HIS B 582 -51.37 -12.47 -2.30
N LEU B 583 -50.34 -13.22 -2.73
CA LEU B 583 -49.11 -12.62 -3.29
C LEU B 583 -49.39 -11.71 -4.47
N ASP B 584 -48.76 -10.55 -4.46
CA ASP B 584 -48.75 -9.62 -5.59
C ASP B 584 -47.92 -10.25 -6.71
N ALA B 585 -48.56 -10.49 -7.85
CA ALA B 585 -47.91 -11.10 -9.00
C ALA B 585 -47.53 -10.07 -10.07
N THR B 586 -47.80 -8.80 -9.79
CA THR B 586 -47.57 -7.71 -10.74
C THR B 586 -46.09 -7.38 -10.84
N THR B 587 -45.70 -6.83 -11.99
CA THR B 587 -44.28 -6.65 -12.34
C THR B 587 -43.88 -5.17 -12.48
N ASP B 588 -44.87 -4.27 -12.41
CA ASP B 588 -44.59 -2.84 -12.36
C ASP B 588 -45.23 -2.14 -11.15
C1 NB1 C . 9.92 5.00 34.39
C2 NB1 C . 10.76 6.25 34.75
C3 NB1 C . 12.00 5.88 35.61
C4 NB1 C . 11.66 4.87 36.72
C5 NB1 C . 10.97 3.62 36.11
C6 NB1 C . 10.52 2.58 37.17
C7 NB1 C . 11.43 5.95 32.39
C8 NB1 C . 12.08 6.27 31.04
CM NB1 C . 12.71 5.27 28.77
N2 NB1 C . 11.23 6.76 33.43
O3 NB1 C . 12.66 7.04 36.08
O4 NB1 C . 12.91 4.54 37.30
O5 NB1 C . 9.80 4.03 35.42
O6 NB1 C . 9.65 3.19 38.11
S1 NB1 C . 10.71 4.50 32.90
C9 NB1 C . 12.01 5.04 30.12
C ACT D . 5.97 -8.86 57.44
O ACT D . 6.98 -8.71 56.72
OXT ACT D . 5.96 -9.88 58.17
CH3 ACT D . 4.82 -7.87 57.46
C1 GOL E . 6.69 5.39 43.92
O1 GOL E . 7.25 4.10 44.09
C2 GOL E . 7.46 6.33 42.98
O2 GOL E . 8.86 6.37 43.18
C3 GOL E . 6.87 7.70 43.24
O3 GOL E . 7.42 8.64 42.35
C1 NB1 F . -35.63 12.94 -38.99
C2 NB1 F . -34.74 14.20 -38.70
C3 NB1 F . -33.49 13.87 -37.86
C4 NB1 F . -33.80 12.91 -36.71
C5 NB1 F . -34.51 11.64 -37.27
C6 NB1 F . -34.88 10.54 -36.22
C7 NB1 F . -34.23 13.83 -41.10
C8 NB1 F . -33.66 14.18 -42.46
CM NB1 F . -33.12 13.25 -44.77
N2 NB1 F . -34.30 14.68 -40.04
O3 NB1 F . -32.88 15.07 -37.41
O4 NB1 F . -32.54 12.54 -36.20
O5 NB1 F . -35.71 12.02 -37.92
O6 NB1 F . -35.63 11.12 -35.17
S1 NB1 F . -34.96 12.40 -40.54
C9 NB1 F . -33.69 12.95 -43.38
C ACT G . -39.08 13.27 -35.90
O ACT G . -38.34 12.31 -35.57
OXT ACT G . -40.12 12.95 -36.50
CH3 ACT G . -38.76 14.71 -35.57
C1 GOL H . -38.40 13.49 -29.72
O1 GOL H . -38.19 12.12 -29.46
C2 GOL H . -37.53 13.90 -30.90
O2 GOL H . -36.24 14.13 -30.40
C3 GOL H . -38.03 15.22 -31.49
O3 GOL H . -38.08 16.19 -30.47
#